data_2XMH
#
_entry.id   2XMH
#
_cell.length_a   154.680
_cell.length_b   83.850
_cell.length_c   127.690
_cell.angle_alpha   90.00
_cell.angle_beta   90.00
_cell.angle_gamma   90.00
#
_symmetry.space_group_name_H-M   'P 21 21 2'
#
loop_
_entity.id
_entity.type
_entity.pdbx_description
1 polymer 'CTP-INOSITOL-1-PHOSPHATE CYTIDYLYLTRANSFERASE'
2 non-polymer 'CITRATE ANION'
3 water water
#
_entity_poly.entity_id   1
_entity_poly.type   'polypeptide(L)'
_entity_poly.pdbx_seq_one_letter_code
;MINVDGEYLKIFAGRIKLMKAVILAAGLGTRLGGVPKPLVRVGGCEIILRTMKLLSPHVSEFIIVASRYADDIDAFLKDK
GFNYKIVRHDRPEKGNGYSLLVAKNHVEDRFILTMGDHVYSQQFIEKAVRGEGVIADREPRFVDIGEATKIRVEDGRVAK
IGKDLREFDCVDTGFFVLDDSIFEHAEKLRDREEIPLSEIVKLARLPVTYVDGELWMDVDTKEDVRRANRAL
;
_entity_poly.pdbx_strand_id   A,B,C,D,E,F
#
loop_
_chem_comp.id
_chem_comp.type
_chem_comp.name
_chem_comp.formula
FLC non-polymer 'CITRATE ANION' 'C6 H5 O7 -3'
#
# COMPACT_ATOMS: atom_id res chain seq x y z
N ILE A 16 1.60 12.91 -18.44
CA ILE A 16 2.12 12.60 -19.77
C ILE A 16 1.37 13.32 -20.89
N LYS A 17 1.93 13.28 -22.15
CA LYS A 17 1.27 13.81 -23.35
C LYS A 17 0.01 12.98 -23.57
N LEU A 18 -1.15 13.65 -23.81
CA LEU A 18 -2.41 12.93 -24.00
C LEU A 18 -2.31 11.83 -25.06
N MET A 19 -2.98 10.72 -24.79
CA MET A 19 -3.04 9.58 -25.72
C MET A 19 -4.33 8.83 -25.52
N LYS A 20 -4.56 7.87 -26.44
CA LYS A 20 -5.72 6.97 -26.39
C LYS A 20 -5.43 5.81 -25.40
N ALA A 21 -6.48 5.35 -24.73
CA ALA A 21 -6.43 4.27 -23.77
C ALA A 21 -7.41 3.13 -24.15
N VAL A 22 -6.85 1.95 -24.46
CA VAL A 22 -7.59 0.72 -24.76
C VAL A 22 -7.76 -0.10 -23.49
N ILE A 23 -9.01 -0.33 -23.08
CA ILE A 23 -9.34 -1.19 -21.95
C ILE A 23 -10.00 -2.51 -22.47
N LEU A 24 -9.30 -3.65 -22.34
CA LEU A 24 -9.84 -4.96 -22.75
C LEU A 24 -10.87 -5.44 -21.72
N ALA A 25 -12.15 -5.54 -22.14
CA ALA A 25 -13.27 -6.00 -21.32
C ALA A 25 -13.95 -7.20 -22.01
N VAL A 35 -22.31 -11.21 -13.52
CA VAL A 35 -21.72 -9.87 -13.35
C VAL A 35 -20.39 -9.71 -14.16
N PRO A 36 -20.28 -8.67 -15.02
CA PRO A 36 -19.03 -8.46 -15.76
C PRO A 36 -17.91 -8.03 -14.82
N LYS A 37 -16.70 -8.55 -15.06
CA LYS A 37 -15.51 -8.25 -14.25
C LYS A 37 -15.26 -6.73 -14.06
N PRO A 38 -15.34 -5.87 -15.13
CA PRO A 38 -15.12 -4.44 -14.91
C PRO A 38 -16.21 -3.74 -14.08
N LEU A 39 -17.34 -4.40 -13.87
CA LEU A 39 -18.42 -3.81 -13.09
C LEU A 39 -18.48 -4.29 -11.65
N VAL A 40 -17.47 -5.11 -11.28
CA VAL A 40 -17.32 -5.62 -9.92
C VAL A 40 -16.77 -4.47 -9.07
N ARG A 41 -17.47 -4.13 -7.97
CA ARG A 41 -17.10 -3.04 -7.08
C ARG A 41 -16.06 -3.45 -6.05
N VAL A 42 -14.87 -2.86 -6.16
CA VAL A 42 -13.73 -3.07 -5.25
C VAL A 42 -13.55 -1.75 -4.49
N GLY A 43 -13.74 -1.79 -3.19
CA GLY A 43 -13.63 -0.63 -2.33
C GLY A 43 -14.70 0.43 -2.54
N GLY A 44 -15.88 -0.01 -3.00
CA GLY A 44 -17.03 0.86 -3.23
C GLY A 44 -17.02 1.60 -4.56
N CYS A 45 -16.25 1.06 -5.54
CA CYS A 45 -16.09 1.64 -6.86
C CYS A 45 -15.74 0.53 -7.84
N GLU A 46 -16.38 0.53 -9.01
CA GLU A 46 -16.17 -0.51 -10.02
C GLU A 46 -14.79 -0.47 -10.65
N ILE A 47 -14.23 -1.64 -10.93
CA ILE A 47 -12.88 -1.77 -11.49
C ILE A 47 -12.60 -0.78 -12.63
N ILE A 48 -13.44 -0.81 -13.70
CA ILE A 48 -13.31 0.07 -14.86
C ILE A 48 -13.37 1.55 -14.50
N LEU A 49 -14.31 1.91 -13.59
CA LEU A 49 -14.47 3.29 -13.14
C LEU A 49 -13.21 3.79 -12.47
N ARG A 50 -12.63 3.00 -11.52
CA ARG A 50 -11.39 3.31 -10.81
C ARG A 50 -10.30 3.64 -11.80
N THR A 51 -10.05 2.73 -12.77
CA THR A 51 -9.02 2.85 -13.80
C THR A 51 -9.25 4.08 -14.69
N MET A 52 -10.53 4.32 -15.09
CA MET A 52 -10.89 5.44 -15.96
C MET A 52 -10.68 6.78 -15.29
N LYS A 53 -11.14 6.90 -14.03
CA LYS A 53 -10.97 8.11 -13.22
C LYS A 53 -9.49 8.43 -13.07
N LEU A 54 -8.65 7.42 -12.78
CA LEU A 54 -7.20 7.56 -12.63
C LEU A 54 -6.47 7.93 -13.91
N LEU A 55 -6.82 7.30 -15.04
CA LEU A 55 -6.17 7.57 -16.33
C LEU A 55 -6.65 8.87 -17.01
N SER A 56 -7.87 9.36 -16.68
CA SER A 56 -8.49 10.55 -17.27
C SER A 56 -7.60 11.77 -17.48
N PRO A 57 -6.72 12.19 -16.53
CA PRO A 57 -5.87 13.35 -16.83
C PRO A 57 -4.76 13.09 -17.84
N HIS A 58 -4.54 11.83 -18.24
CA HIS A 58 -3.50 11.48 -19.22
C HIS A 58 -4.12 11.02 -20.54
N VAL A 59 -5.46 11.00 -20.54
CA VAL A 59 -6.19 10.43 -21.65
C VAL A 59 -7.12 11.34 -22.41
N SER A 60 -6.99 11.26 -23.77
CA SER A 60 -7.83 11.98 -24.73
C SER A 60 -9.14 11.20 -24.86
N GLU A 61 -9.11 10.04 -25.53
CA GLU A 61 -10.19 9.08 -25.77
C GLU A 61 -9.92 7.66 -25.16
N PHE A 62 -10.99 7.05 -24.62
CA PHE A 62 -11.02 5.69 -24.06
C PHE A 62 -11.70 4.72 -25.06
N ILE A 63 -11.05 3.59 -25.35
CA ILE A 63 -11.52 2.54 -26.28
C ILE A 63 -11.73 1.18 -25.56
N ILE A 64 -12.95 0.91 -25.15
CA ILE A 64 -13.32 -0.32 -24.45
C ILE A 64 -13.65 -1.49 -25.41
N VAL A 65 -12.70 -2.42 -25.62
CA VAL A 65 -12.93 -3.62 -26.44
C VAL A 65 -13.74 -4.61 -25.59
N ALA A 66 -15.05 -4.74 -25.87
CA ALA A 66 -15.97 -5.62 -25.13
C ALA A 66 -16.66 -6.63 -26.06
N SER A 67 -17.40 -7.59 -25.48
CA SER A 67 -18.10 -8.63 -26.25
C SER A 67 -19.44 -8.95 -25.60
N ARG A 68 -19.55 -10.07 -24.89
CA ARG A 68 -20.80 -10.47 -24.23
C ARG A 68 -21.40 -9.44 -23.25
N TYR A 69 -20.56 -8.55 -22.68
CA TYR A 69 -21.06 -7.57 -21.71
C TYR A 69 -21.04 -6.12 -22.19
N ALA A 70 -20.73 -5.90 -23.49
CA ALA A 70 -20.66 -4.60 -24.14
C ALA A 70 -21.82 -3.64 -23.81
N ASP A 71 -23.05 -4.15 -23.75
CA ASP A 71 -24.25 -3.36 -23.48
C ASP A 71 -24.31 -2.87 -22.05
N ASP A 72 -23.90 -3.73 -21.11
CA ASP A 72 -23.91 -3.47 -19.67
C ASP A 72 -22.91 -2.37 -19.31
N ILE A 73 -21.69 -2.44 -19.91
CA ILE A 73 -20.59 -1.50 -19.73
C ILE A 73 -21.01 -0.11 -20.24
N ASP A 74 -21.52 -0.06 -21.49
CA ASP A 74 -22.01 1.15 -22.19
C ASP A 74 -23.09 1.86 -21.35
N ALA A 75 -24.08 1.11 -20.85
CA ALA A 75 -25.17 1.63 -20.03
C ALA A 75 -24.64 2.21 -18.72
N PHE A 76 -23.59 1.56 -18.15
CA PHE A 76 -22.97 2.00 -16.91
C PHE A 76 -22.20 3.32 -17.13
N LEU A 77 -21.37 3.33 -18.18
CA LEU A 77 -20.49 4.43 -18.58
C LEU A 77 -21.16 5.67 -19.19
N LYS A 78 -22.44 5.59 -19.66
CA LYS A 78 -23.13 6.71 -20.29
C LYS A 78 -23.26 7.95 -19.39
N ASP A 79 -23.70 7.75 -18.14
CA ASP A 79 -23.86 8.82 -17.15
C ASP A 79 -22.52 9.33 -16.55
N LYS A 80 -21.41 8.64 -16.85
CA LYS A 80 -20.07 9.01 -16.38
C LYS A 80 -19.45 9.96 -17.41
N GLY A 81 -18.74 10.97 -16.94
CA GLY A 81 -18.18 12.03 -17.78
C GLY A 81 -16.96 11.74 -18.62
N PHE A 82 -16.78 10.49 -19.09
CA PHE A 82 -15.60 10.15 -19.89
C PHE A 82 -15.87 10.12 -21.39
N ASN A 83 -14.81 10.32 -22.19
CA ASN A 83 -14.86 10.24 -23.65
C ASN A 83 -14.55 8.82 -24.02
N TYR A 84 -15.60 7.99 -24.22
CA TYR A 84 -15.39 6.58 -24.54
C TYR A 84 -16.06 6.12 -25.83
N LYS A 85 -15.57 4.98 -26.33
CA LYS A 85 -16.03 4.29 -27.52
C LYS A 85 -16.03 2.78 -27.19
N ILE A 86 -17.18 2.10 -27.39
CA ILE A 86 -17.30 0.64 -27.19
C ILE A 86 -17.03 -0.01 -28.55
N VAL A 87 -16.00 -0.87 -28.62
CA VAL A 87 -15.64 -1.59 -29.83
C VAL A 87 -16.01 -3.06 -29.57
N ARG A 88 -17.01 -3.58 -30.32
CA ARG A 88 -17.55 -4.92 -30.12
C ARG A 88 -17.03 -6.01 -31.03
N HIS A 89 -16.89 -7.22 -30.47
CA HIS A 89 -16.53 -8.43 -31.18
C HIS A 89 -17.35 -9.63 -30.71
N ASP A 90 -17.32 -10.72 -31.49
CA ASP A 90 -18.13 -11.93 -31.28
C ASP A 90 -17.30 -13.16 -30.89
N ARG A 91 -15.97 -13.03 -30.86
CA ARG A 91 -15.07 -14.16 -30.55
C ARG A 91 -14.31 -14.09 -29.19
N PRO A 92 -15.00 -14.22 -28.02
CA PRO A 92 -14.27 -14.16 -26.72
C PRO A 92 -13.35 -15.37 -26.49
N GLU A 93 -13.60 -16.48 -27.19
CA GLU A 93 -12.82 -17.71 -27.13
C GLU A 93 -11.42 -17.56 -27.78
N LYS A 94 -11.26 -16.53 -28.61
CA LYS A 94 -10.00 -16.22 -29.29
C LYS A 94 -8.96 -15.58 -28.36
N GLY A 95 -9.38 -15.14 -27.17
CA GLY A 95 -8.50 -14.52 -26.17
C GLY A 95 -8.31 -13.02 -26.27
N ASN A 96 -7.61 -12.43 -25.25
CA ASN A 96 -7.32 -10.99 -25.16
C ASN A 96 -6.40 -10.47 -26.26
N GLY A 97 -5.62 -11.36 -26.88
CA GLY A 97 -4.73 -11.02 -27.99
C GLY A 97 -5.53 -10.61 -29.22
N TYR A 98 -6.70 -11.26 -29.41
CA TYR A 98 -7.64 -10.96 -30.49
C TYR A 98 -8.33 -9.64 -30.15
N SER A 99 -8.69 -9.43 -28.86
CA SER A 99 -9.30 -8.20 -28.37
C SER A 99 -8.40 -6.98 -28.68
N LEU A 100 -7.07 -7.17 -28.64
CA LEU A 100 -6.09 -6.14 -28.99
C LEU A 100 -6.16 -5.88 -30.50
N LEU A 101 -6.11 -6.96 -31.30
CA LEU A 101 -6.17 -6.90 -32.77
C LEU A 101 -7.43 -6.20 -33.28
N VAL A 102 -8.58 -6.41 -32.60
CA VAL A 102 -9.87 -5.77 -32.86
C VAL A 102 -9.78 -4.22 -32.79
N ALA A 103 -8.91 -3.69 -31.91
CA ALA A 103 -8.72 -2.25 -31.69
C ALA A 103 -7.80 -1.53 -32.70
N LYS A 104 -7.11 -2.29 -33.59
CA LYS A 104 -6.16 -1.77 -34.58
C LYS A 104 -6.55 -0.45 -35.26
N ASN A 105 -7.82 -0.35 -35.73
CA ASN A 105 -8.31 0.83 -36.46
C ASN A 105 -8.97 1.91 -35.61
N HIS A 106 -8.76 1.86 -34.28
CA HIS A 106 -9.29 2.87 -33.36
C HIS A 106 -8.14 3.59 -32.67
N VAL A 107 -6.90 3.21 -33.01
CA VAL A 107 -5.66 3.76 -32.45
C VAL A 107 -4.60 4.01 -33.52
N GLU A 108 -3.78 5.04 -33.28
CA GLU A 108 -2.64 5.44 -34.09
C GLU A 108 -1.52 5.90 -33.18
N ASP A 109 -0.29 5.48 -33.53
CA ASP A 109 0.96 5.75 -32.80
C ASP A 109 0.89 5.23 -31.34
N ARG A 110 1.37 5.99 -30.35
CA ARG A 110 1.35 5.57 -28.95
C ARG A 110 -0.02 5.55 -28.29
N PHE A 111 -0.27 4.51 -27.46
CA PHE A 111 -1.51 4.29 -26.74
C PHE A 111 -1.30 3.39 -25.51
N ILE A 112 -2.17 3.54 -24.54
CA ILE A 112 -2.18 2.78 -23.32
C ILE A 112 -3.08 1.56 -23.53
N LEU A 113 -2.64 0.40 -23.03
CA LEU A 113 -3.41 -0.83 -23.06
C LEU A 113 -3.44 -1.46 -21.66
N THR A 114 -4.65 -1.62 -21.11
CA THR A 114 -4.88 -2.22 -19.79
C THR A 114 -6.09 -3.19 -19.81
N MET A 115 -6.22 -4.07 -18.78
CA MET A 115 -7.33 -5.01 -18.62
C MET A 115 -8.39 -4.41 -17.72
N GLY A 116 -9.64 -4.75 -17.99
CA GLY A 116 -10.76 -4.31 -17.17
C GLY A 116 -10.98 -5.19 -15.94
N ASP A 117 -10.08 -6.19 -15.73
CA ASP A 117 -10.09 -7.16 -14.61
C ASP A 117 -8.97 -6.91 -13.60
N HIS A 118 -8.30 -5.75 -13.68
CA HIS A 118 -7.19 -5.31 -12.82
C HIS A 118 -7.53 -4.03 -12.08
N VAL A 119 -7.15 -3.94 -10.80
CA VAL A 119 -7.37 -2.79 -9.93
C VAL A 119 -6.00 -2.14 -9.74
N TYR A 120 -5.93 -0.78 -9.85
CA TYR A 120 -4.66 -0.04 -9.71
C TYR A 120 -4.78 1.11 -8.74
N SER A 121 -3.63 1.52 -8.18
CA SER A 121 -3.51 2.66 -7.28
C SER A 121 -3.09 3.86 -8.13
N GLN A 122 -3.28 5.10 -7.61
CA GLN A 122 -2.86 6.32 -8.29
C GLN A 122 -1.33 6.32 -8.54
N GLN A 123 -0.55 5.92 -7.51
CA GLN A 123 0.91 5.82 -7.47
C GLN A 123 1.43 4.86 -8.56
N PHE A 124 0.68 3.76 -8.80
CA PHE A 124 0.99 2.79 -9.86
C PHE A 124 0.76 3.48 -11.19
N ILE A 125 -0.48 3.98 -11.41
CA ILE A 125 -0.87 4.64 -12.67
C ILE A 125 0.11 5.75 -13.07
N GLU A 126 0.39 6.67 -12.11
CA GLU A 126 1.31 7.79 -12.31
C GLU A 126 2.66 7.38 -12.88
N LYS A 127 3.23 6.29 -12.41
CA LYS A 127 4.51 5.78 -12.87
C LYS A 127 4.35 5.02 -14.19
N ALA A 128 3.30 4.19 -14.30
CA ALA A 128 3.06 3.35 -15.46
C ALA A 128 2.80 4.13 -16.74
N VAL A 129 2.00 5.19 -16.66
CA VAL A 129 1.70 6.05 -17.84
C VAL A 129 2.95 6.61 -18.50
N ARG A 130 4.04 6.81 -17.71
CA ARG A 130 5.31 7.36 -18.17
C ARG A 130 6.18 6.29 -18.78
N GLY A 131 5.69 5.05 -18.71
CA GLY A 131 6.38 3.86 -19.17
C GLY A 131 6.24 3.53 -20.64
N GLU A 132 7.08 2.62 -21.11
CA GLU A 132 7.17 2.12 -22.49
C GLU A 132 7.15 0.56 -22.48
N GLY A 133 6.35 -0.03 -23.36
CA GLY A 133 6.23 -1.48 -23.50
C GLY A 133 5.39 -2.11 -22.42
N VAL A 134 5.93 -3.17 -21.78
CA VAL A 134 5.23 -3.87 -20.70
C VAL A 134 5.57 -3.18 -19.39
N ILE A 135 4.54 -2.88 -18.60
CA ILE A 135 4.77 -2.36 -17.26
C ILE A 135 4.83 -3.61 -16.39
N ALA A 136 6.05 -3.91 -15.89
CA ALA A 136 6.28 -5.08 -15.04
C ALA A 136 6.68 -4.73 -13.61
N ASP A 137 6.34 -5.63 -12.68
CA ASP A 137 6.62 -5.50 -11.26
C ASP A 137 7.62 -6.53 -10.84
N ARG A 138 8.81 -6.07 -10.38
CA ARG A 138 9.79 -7.02 -9.89
C ARG A 138 9.78 -7.21 -8.36
N GLU A 139 8.77 -6.62 -7.69
CA GLU A 139 8.52 -6.68 -6.26
C GLU A 139 6.99 -6.85 -6.02
N PRO A 140 6.33 -7.93 -6.53
CA PRO A 140 4.87 -8.06 -6.32
C PRO A 140 4.53 -8.10 -4.84
N ARG A 141 3.96 -7.01 -4.34
CA ARG A 141 3.66 -6.96 -2.92
C ARG A 141 2.26 -7.49 -2.54
N PHE A 142 1.26 -7.36 -3.45
CA PHE A 142 -0.10 -7.79 -3.15
CA PHE A 142 -0.13 -7.71 -3.18
C PHE A 142 -0.71 -8.82 -4.10
N VAL A 143 0.12 -9.47 -4.89
CA VAL A 143 -0.29 -10.57 -5.77
C VAL A 143 0.53 -11.83 -5.48
N ASP A 144 -0.12 -13.01 -5.64
CA ASP A 144 0.47 -14.32 -5.48
C ASP A 144 1.40 -14.56 -6.69
N ILE A 145 2.69 -14.63 -6.41
CA ILE A 145 3.75 -14.82 -7.39
C ILE A 145 3.63 -16.14 -8.16
N GLY A 146 3.09 -17.20 -7.53
CA GLY A 146 2.90 -18.52 -8.14
C GLY A 146 1.88 -18.56 -9.25
N GLU A 147 0.77 -17.83 -9.05
CA GLU A 147 -0.36 -17.75 -9.98
C GLU A 147 -0.24 -16.62 -11.02
N ALA A 148 0.76 -15.73 -10.86
CA ALA A 148 0.95 -14.57 -11.73
C ALA A 148 1.65 -14.88 -13.04
N THR A 149 1.42 -14.02 -14.09
CA THR A 149 2.09 -14.15 -15.36
C THR A 149 3.48 -13.59 -15.15
N LYS A 150 4.49 -14.43 -15.28
CA LYS A 150 5.89 -14.08 -15.01
C LYS A 150 6.56 -13.70 -16.29
N ILE A 151 7.65 -12.91 -16.20
CA ILE A 151 8.42 -12.48 -17.36
C ILE A 151 9.90 -12.64 -17.10
N ARG A 152 10.64 -13.16 -18.08
CA ARG A 152 12.09 -13.28 -18.06
C ARG A 152 12.58 -12.17 -19.00
N VAL A 153 13.40 -11.26 -18.47
CA VAL A 153 13.90 -10.09 -19.20
C VAL A 153 15.36 -10.25 -19.63
N GLU A 154 15.61 -10.08 -20.93
CA GLU A 154 16.94 -10.10 -21.52
C GLU A 154 17.16 -8.85 -22.33
N ASP A 155 18.25 -8.12 -22.00
CA ASP A 155 18.66 -6.85 -22.61
C ASP A 155 17.52 -5.77 -22.63
N GLY A 156 16.73 -5.75 -21.55
CA GLY A 156 15.61 -4.81 -21.38
C GLY A 156 14.38 -5.12 -22.19
N ARG A 157 14.32 -6.32 -22.80
CA ARG A 157 13.20 -6.76 -23.62
C ARG A 157 12.67 -8.11 -23.13
N VAL A 158 11.38 -8.41 -23.42
CA VAL A 158 10.74 -9.67 -23.05
C VAL A 158 11.41 -10.85 -23.79
N ALA A 159 12.05 -11.76 -23.05
CA ALA A 159 12.68 -12.97 -23.58
C ALA A 159 11.70 -14.14 -23.42
N LYS A 160 11.03 -14.24 -22.24
CA LYS A 160 10.03 -15.26 -21.96
C LYS A 160 8.92 -14.67 -21.12
N ILE A 161 7.73 -15.28 -21.20
CA ILE A 161 6.52 -14.84 -20.49
C ILE A 161 5.60 -16.04 -20.31
N GLY A 162 4.82 -16.04 -19.22
CA GLY A 162 3.87 -17.10 -18.92
C GLY A 162 3.73 -17.38 -17.45
N LYS A 163 2.54 -17.85 -17.07
CA LYS A 163 2.17 -18.22 -15.69
C LYS A 163 2.97 -19.39 -15.05
N ASP A 164 3.70 -20.19 -15.87
CA ASP A 164 4.44 -21.34 -15.38
C ASP A 164 5.95 -21.29 -15.71
N LEU A 165 6.55 -20.09 -15.67
CA LEU A 165 7.98 -19.91 -15.92
C LEU A 165 8.84 -20.44 -14.77
N ARG A 166 10.04 -20.97 -15.12
CA ARG A 166 11.02 -21.52 -14.19
C ARG A 166 11.99 -20.44 -13.77
N GLU A 167 12.52 -19.71 -14.76
CA GLU A 167 13.41 -18.56 -14.57
C GLU A 167 12.62 -17.30 -14.91
N PHE A 168 12.56 -16.31 -13.98
CA PHE A 168 11.87 -15.05 -14.20
C PHE A 168 12.40 -13.91 -13.34
N ASP A 169 12.32 -12.68 -13.87
CA ASP A 169 12.82 -11.45 -13.28
C ASP A 169 11.68 -10.62 -12.67
N CYS A 170 10.44 -10.72 -13.22
CA CYS A 170 9.30 -9.92 -12.76
C CYS A 170 7.95 -10.52 -13.05
N VAL A 171 6.92 -9.71 -12.81
CA VAL A 171 5.54 -10.09 -13.02
C VAL A 171 4.76 -9.08 -13.86
N ASP A 172 3.93 -9.61 -14.79
CA ASP A 172 3.08 -8.84 -15.68
C ASP A 172 1.93 -8.17 -14.94
N THR A 173 1.96 -6.85 -14.94
CA THR A 173 0.89 -6.01 -14.47
C THR A 173 0.12 -5.93 -15.79
N GLY A 174 -1.20 -5.92 -15.74
CA GLY A 174 -1.95 -5.87 -16.98
C GLY A 174 -1.99 -4.49 -17.62
N PHE A 175 -0.80 -3.83 -17.72
CA PHE A 175 -0.61 -2.46 -18.17
C PHE A 175 0.53 -2.33 -19.15
N PHE A 176 0.27 -1.66 -20.28
CA PHE A 176 1.21 -1.52 -21.38
C PHE A 176 1.12 -0.17 -22.02
N VAL A 177 2.23 0.27 -22.63
CA VAL A 177 2.31 1.52 -23.39
C VAL A 177 2.86 1.08 -24.74
N LEU A 178 1.94 0.90 -25.71
CA LEU A 178 2.27 0.38 -27.03
C LEU A 178 2.21 1.41 -28.13
N ASP A 179 2.81 1.07 -29.27
CA ASP A 179 2.76 1.82 -30.52
C ASP A 179 2.01 0.98 -31.58
N ASP A 180 2.03 1.42 -32.84
CA ASP A 180 1.34 0.74 -33.94
C ASP A 180 1.92 -0.65 -34.26
N SER A 181 3.27 -0.78 -34.21
CA SER A 181 4.05 -1.98 -34.51
C SER A 181 3.59 -3.26 -33.79
N ILE A 182 2.80 -3.14 -32.70
CA ILE A 182 2.29 -4.29 -31.93
C ILE A 182 1.43 -5.21 -32.81
N PHE A 183 0.57 -4.60 -33.64
CA PHE A 183 -0.36 -5.28 -34.55
C PHE A 183 0.33 -6.08 -35.68
N GLU A 184 1.55 -5.66 -36.09
CA GLU A 184 2.40 -6.36 -37.07
C GLU A 184 2.71 -7.79 -36.51
N HIS A 185 3.01 -7.87 -35.20
CA HIS A 185 3.29 -9.11 -34.49
C HIS A 185 1.99 -9.83 -34.17
N ALA A 186 0.93 -9.09 -33.79
CA ALA A 186 -0.39 -9.63 -33.48
C ALA A 186 -1.06 -10.26 -34.70
N GLU A 187 -0.71 -9.79 -35.92
CA GLU A 187 -1.21 -10.29 -37.22
C GLU A 187 -0.76 -11.74 -37.43
N LYS A 188 0.53 -12.04 -37.13
CA LYS A 188 1.17 -13.35 -37.28
C LYS A 188 0.44 -14.50 -36.54
N LEU A 189 -0.56 -14.16 -35.68
CA LEU A 189 -1.34 -15.15 -34.92
C LEU A 189 -2.80 -15.17 -35.31
N ARG A 190 -3.23 -14.38 -36.32
CA ARG A 190 -4.63 -14.34 -36.80
C ARG A 190 -5.27 -15.74 -37.02
N ASP A 191 -4.48 -16.68 -37.56
CA ASP A 191 -4.91 -18.04 -37.91
C ASP A 191 -4.83 -19.09 -36.78
N ARG A 192 -4.82 -18.62 -35.51
CA ARG A 192 -4.80 -19.50 -34.35
C ARG A 192 -6.13 -19.45 -33.62
N GLU A 193 -6.64 -20.62 -33.16
CA GLU A 193 -7.94 -20.74 -32.46
C GLU A 193 -8.04 -19.85 -31.22
N GLU A 194 -6.88 -19.63 -30.56
CA GLU A 194 -6.69 -18.81 -29.37
C GLU A 194 -5.45 -17.94 -29.57
N ILE A 195 -5.61 -16.63 -29.27
CA ILE A 195 -4.55 -15.64 -29.33
C ILE A 195 -4.32 -15.03 -27.93
N PRO A 196 -3.28 -15.49 -27.19
CA PRO A 196 -3.02 -14.89 -25.88
C PRO A 196 -2.17 -13.62 -26.04
N LEU A 197 -2.47 -12.58 -25.26
CA LEU A 197 -1.73 -11.31 -25.31
C LEU A 197 -0.24 -11.56 -25.12
N SER A 198 0.09 -12.43 -24.15
CA SER A 198 1.43 -12.86 -23.78
C SER A 198 2.25 -13.34 -24.97
N GLU A 199 1.63 -14.12 -25.87
CA GLU A 199 2.30 -14.63 -27.07
C GLU A 199 2.69 -13.50 -28.04
N ILE A 200 1.81 -12.48 -28.17
CA ILE A 200 2.08 -11.29 -29.01
C ILE A 200 3.27 -10.56 -28.40
N VAL A 201 3.22 -10.29 -27.07
CA VAL A 201 4.26 -9.63 -26.27
C VAL A 201 5.61 -10.32 -26.50
N LYS A 202 5.61 -11.68 -26.41
CA LYS A 202 6.77 -12.56 -26.63
C LYS A 202 7.31 -12.34 -28.04
N LEU A 203 6.39 -12.42 -29.05
CA LEU A 203 6.70 -12.24 -30.47
C LEU A 203 7.27 -10.85 -30.74
N ALA A 204 6.63 -9.80 -30.13
CA ALA A 204 7.04 -8.39 -30.24
C ALA A 204 8.37 -8.08 -29.57
N ARG A 205 8.82 -8.95 -28.60
CA ARG A 205 10.07 -8.76 -27.84
C ARG A 205 10.01 -7.35 -27.19
N LEU A 206 8.83 -7.05 -26.62
CA LEU A 206 8.49 -5.76 -26.01
C LEU A 206 9.49 -5.26 -24.97
N PRO A 207 9.83 -3.94 -24.99
CA PRO A 207 10.70 -3.41 -23.93
C PRO A 207 9.94 -3.48 -22.61
N VAL A 208 10.70 -3.56 -21.53
CA VAL A 208 10.06 -3.66 -20.21
C VAL A 208 10.35 -2.40 -19.39
N THR A 209 9.32 -1.91 -18.72
CA THR A 209 9.41 -0.77 -17.80
C THR A 209 8.99 -1.30 -16.45
N TYR A 210 9.81 -1.00 -15.42
CA TYR A 210 9.51 -1.49 -14.07
C TYR A 210 8.81 -0.45 -13.23
N VAL A 211 7.71 -0.86 -12.59
CA VAL A 211 6.93 -0.11 -11.61
C VAL A 211 6.83 -1.12 -10.46
N ASP A 212 7.79 -1.01 -9.54
CA ASP A 212 8.00 -1.95 -8.45
C ASP A 212 7.32 -1.66 -7.13
N GLY A 213 6.71 -2.68 -6.59
CA GLY A 213 6.07 -2.67 -5.28
C GLY A 213 4.90 -1.75 -5.09
N GLU A 214 4.23 -1.32 -6.19
CA GLU A 214 3.06 -0.46 -6.09
C GLU A 214 1.80 -1.31 -6.00
N LEU A 215 0.73 -0.76 -5.43
CA LEU A 215 -0.51 -1.51 -5.31
C LEU A 215 -1.24 -1.70 -6.65
N TRP A 216 -1.47 -2.98 -6.98
CA TRP A 216 -2.17 -3.47 -8.16
C TRP A 216 -2.58 -4.92 -7.91
N MET A 217 -3.72 -5.36 -8.48
CA MET A 217 -4.23 -6.73 -8.34
C MET A 217 -5.28 -7.12 -9.38
N ASP A 218 -5.20 -8.37 -9.84
CA ASP A 218 -6.16 -8.96 -10.77
C ASP A 218 -7.34 -9.47 -9.95
N VAL A 219 -8.55 -9.44 -10.52
CA VAL A 219 -9.77 -9.88 -9.83
C VAL A 219 -10.50 -10.97 -10.65
N ASP A 220 -10.49 -12.23 -10.13
CA ASP A 220 -10.99 -13.47 -10.72
C ASP A 220 -12.13 -14.07 -9.88
N ILE B 16 -0.41 -12.12 18.89
CA ILE B 16 -1.39 -12.06 19.99
C ILE B 16 -1.62 -13.44 20.63
N LYS B 17 -2.25 -13.48 21.84
CA LYS B 17 -2.62 -14.71 22.53
C LYS B 17 -3.64 -15.41 21.63
N LEU B 18 -3.47 -16.73 21.36
CA LEU B 18 -4.37 -17.48 20.50
C LEU B 18 -5.83 -17.29 20.88
N MET B 19 -6.66 -17.13 19.86
CA MET B 19 -8.10 -16.96 19.99
C MET B 19 -8.81 -17.50 18.80
N LYS B 20 -10.17 -17.56 18.94
CA LYS B 20 -11.06 -18.04 17.90
C LYS B 20 -11.33 -16.87 16.94
N ALA B 21 -11.44 -17.21 15.63
CA ALA B 21 -11.74 -16.29 14.53
C ALA B 21 -13.09 -16.55 13.83
N VAL B 22 -14.12 -15.73 14.15
CA VAL B 22 -15.44 -15.83 13.51
C VAL B 22 -15.39 -15.06 12.18
N ILE B 23 -15.55 -15.78 11.08
CA ILE B 23 -15.62 -15.16 9.75
C ILE B 23 -17.09 -15.23 9.24
N LEU B 24 -17.74 -14.05 9.06
CA LEU B 24 -19.11 -13.98 8.52
C LEU B 24 -19.08 -14.18 7.00
N ALA B 25 -19.81 -15.20 6.53
CA ALA B 25 -20.00 -15.53 5.11
C ALA B 25 -21.56 -15.68 4.83
N ALA B 26 -22.37 -14.89 5.62
CA ALA B 26 -23.83 -14.85 5.59
C ALA B 26 -24.36 -13.49 6.06
N PRO B 36 -19.74 -16.18 -5.42
CA PRO B 36 -19.95 -16.04 -3.97
C PRO B 36 -18.73 -15.37 -3.33
N LYS B 37 -19.02 -14.27 -2.60
CA LYS B 37 -18.05 -13.35 -1.97
C LYS B 37 -16.75 -13.99 -1.45
N PRO B 38 -16.76 -14.81 -0.35
CA PRO B 38 -15.51 -15.39 0.15
C PRO B 38 -14.64 -16.14 -0.86
N LEU B 39 -15.26 -16.76 -1.85
CA LEU B 39 -14.51 -17.56 -2.83
C LEU B 39 -13.95 -16.79 -4.02
N VAL B 40 -14.26 -15.47 -4.11
CA VAL B 40 -13.79 -14.60 -5.18
C VAL B 40 -12.27 -14.40 -5.04
N ARG B 41 -11.51 -14.78 -6.08
CA ARG B 41 -10.05 -14.67 -6.07
C ARG B 41 -9.61 -13.24 -6.40
N VAL B 42 -8.87 -12.63 -5.45
CA VAL B 42 -8.27 -11.31 -5.56
C VAL B 42 -6.74 -11.47 -5.47
N GLY B 43 -6.04 -11.11 -6.54
CA GLY B 43 -4.59 -11.24 -6.61
C GLY B 43 -4.10 -12.68 -6.66
N GLY B 44 -4.92 -13.57 -7.19
CA GLY B 44 -4.60 -15.00 -7.33
C GLY B 44 -4.85 -15.84 -6.09
N CYS B 45 -5.68 -15.35 -5.18
CA CYS B 45 -6.01 -16.01 -3.92
C CYS B 45 -7.39 -15.54 -3.42
N GLU B 46 -8.19 -16.41 -2.80
CA GLU B 46 -9.50 -15.95 -2.33
C GLU B 46 -9.60 -15.10 -1.08
N ILE B 47 -10.65 -14.28 -1.05
CA ILE B 47 -11.01 -13.34 0.01
C ILE B 47 -11.03 -13.98 1.44
N ILE B 48 -11.33 -15.30 1.49
CA ILE B 48 -11.36 -16.10 2.73
C ILE B 48 -9.99 -16.71 3.00
N LEU B 49 -9.38 -17.37 1.99
CA LEU B 49 -8.07 -17.99 2.08
C LEU B 49 -7.04 -17.01 2.55
N ARG B 50 -6.96 -15.80 1.91
CA ARG B 50 -6.05 -14.70 2.23
C ARG B 50 -6.13 -14.41 3.69
N THR B 51 -7.35 -14.10 4.19
CA THR B 51 -7.65 -13.77 5.59
C THR B 51 -7.22 -14.89 6.55
N MET B 52 -7.53 -16.16 6.21
CA MET B 52 -7.21 -17.32 7.05
C MET B 52 -5.72 -17.56 7.15
N LYS B 53 -5.00 -17.49 6.01
CA LYS B 53 -3.55 -17.63 5.95
C LYS B 53 -2.90 -16.57 6.83
N LEU B 54 -3.37 -15.31 6.73
CA LEU B 54 -2.85 -14.18 7.52
C LEU B 54 -3.10 -14.27 9.01
N LEU B 55 -4.32 -14.68 9.40
CA LEU B 55 -4.74 -14.79 10.80
C LEU B 55 -4.20 -16.06 11.47
N SER B 56 -3.84 -17.11 10.70
CA SER B 56 -3.38 -18.42 11.20
C SER B 56 -2.37 -18.41 12.35
N PRO B 57 -1.33 -17.53 12.37
CA PRO B 57 -0.42 -17.55 13.53
C PRO B 57 -1.03 -16.95 14.80
N HIS B 58 -2.21 -16.35 14.73
CA HIS B 58 -2.91 -15.74 15.88
C HIS B 58 -4.19 -16.51 16.27
N VAL B 59 -4.55 -17.52 15.43
CA VAL B 59 -5.80 -18.26 15.56
C VAL B 59 -5.65 -19.75 15.82
N SER B 60 -6.42 -20.22 16.84
CA SER B 60 -6.59 -21.63 17.26
C SER B 60 -7.54 -22.31 16.31
N GLU B 61 -8.86 -21.91 16.37
CA GLU B 61 -9.99 -22.39 15.55
C GLU B 61 -10.77 -21.28 14.76
N PHE B 62 -11.03 -21.57 13.46
CA PHE B 62 -11.82 -20.74 12.54
C PHE B 62 -13.31 -21.12 12.50
N ILE B 63 -14.18 -20.27 13.09
CA ILE B 63 -15.65 -20.44 13.10
C ILE B 63 -16.33 -19.60 11.98
N ILE B 64 -16.54 -20.24 10.80
CA ILE B 64 -17.15 -19.67 9.60
C ILE B 64 -18.71 -19.75 9.63
N VAL B 65 -19.38 -18.64 9.97
CA VAL B 65 -20.85 -18.57 9.98
C VAL B 65 -21.31 -18.40 8.52
N ALA B 66 -21.85 -19.47 7.93
CA ALA B 66 -22.32 -19.48 6.54
C ALA B 66 -23.82 -19.92 6.43
N SER B 67 -24.41 -19.82 5.23
CA SER B 67 -25.80 -20.21 5.00
C SER B 67 -25.93 -20.88 3.63
N ARG B 68 -26.45 -20.17 2.61
CA ARG B 68 -26.64 -20.70 1.25
C ARG B 68 -25.37 -21.24 0.57
N TYR B 69 -24.18 -20.76 0.99
CA TYR B 69 -22.93 -21.23 0.37
C TYR B 69 -22.05 -22.09 1.26
N ALA B 70 -22.56 -22.45 2.48
CA ALA B 70 -21.87 -23.28 3.47
C ALA B 70 -21.17 -24.51 2.90
N ASP B 71 -21.80 -25.21 1.94
CA ASP B 71 -21.27 -26.43 1.33
C ASP B 71 -20.09 -26.16 0.43
N ASP B 72 -20.14 -25.05 -0.31
CA ASP B 72 -19.12 -24.63 -1.26
C ASP B 72 -17.82 -24.26 -0.53
N ILE B 73 -17.96 -23.50 0.58
CA ILE B 73 -16.87 -23.04 1.46
C ILE B 73 -16.16 -24.25 2.08
N ASP B 74 -16.95 -25.17 2.71
CA ASP B 74 -16.50 -26.41 3.34
C ASP B 74 -15.69 -27.25 2.38
N ALA B 75 -16.20 -27.46 1.15
CA ALA B 75 -15.54 -28.25 0.11
C ALA B 75 -14.21 -27.62 -0.28
N PHE B 76 -14.17 -26.27 -0.32
CA PHE B 76 -12.98 -25.50 -0.66
C PHE B 76 -11.91 -25.63 0.44
N LEU B 77 -12.33 -25.39 1.69
CA LEU B 77 -11.51 -25.41 2.90
C LEU B 77 -11.02 -26.78 3.40
N LYS B 78 -11.63 -27.90 2.96
CA LYS B 78 -11.23 -29.25 3.40
C LYS B 78 -9.76 -29.60 3.15
N ASP B 79 -9.27 -29.36 1.92
CA ASP B 79 -7.89 -29.64 1.51
C ASP B 79 -6.87 -28.60 2.01
N LYS B 80 -7.36 -27.50 2.64
CA LYS B 80 -6.51 -26.45 3.20
C LYS B 80 -6.22 -26.83 4.65
N GLY B 81 -5.00 -26.55 5.10
CA GLY B 81 -4.56 -26.97 6.42
C GLY B 81 -5.03 -26.22 7.65
N PHE B 82 -6.22 -25.64 7.63
CA PHE B 82 -6.71 -24.87 8.77
C PHE B 82 -7.67 -25.65 9.66
N ASN B 83 -7.75 -25.24 10.94
CA ASN B 83 -8.65 -25.84 11.89
C ASN B 83 -9.93 -25.01 11.87
N TYR B 84 -10.95 -25.50 11.12
CA TYR B 84 -12.20 -24.79 10.97
C TYR B 84 -13.46 -25.58 11.34
N LYS B 85 -14.54 -24.84 11.60
CA LYS B 85 -15.89 -25.30 11.91
C LYS B 85 -16.89 -24.43 11.11
N ILE B 86 -17.80 -25.06 10.32
CA ILE B 86 -18.86 -24.31 9.63
C ILE B 86 -20.07 -24.32 10.53
N VAL B 87 -20.56 -23.13 10.83
CA VAL B 87 -21.75 -22.95 11.63
C VAL B 87 -22.84 -22.47 10.67
N ARG B 88 -23.85 -23.33 10.43
CA ARG B 88 -24.93 -23.06 9.48
C ARG B 88 -26.21 -22.49 10.06
N HIS B 89 -26.84 -21.59 9.29
CA HIS B 89 -28.14 -21.01 9.57
C HIS B 89 -29.00 -20.92 8.30
N ASP B 90 -30.30 -20.70 8.48
CA ASP B 90 -31.30 -20.69 7.41
C ASP B 90 -31.91 -19.31 7.14
N ARG B 91 -31.52 -18.29 7.92
CA ARG B 91 -32.06 -16.94 7.81
C ARG B 91 -31.07 -15.84 7.27
N PRO B 92 -30.64 -15.88 5.97
CA PRO B 92 -29.72 -14.84 5.47
C PRO B 92 -30.34 -13.45 5.39
N GLU B 93 -31.67 -13.38 5.34
CA GLU B 93 -32.46 -12.15 5.28
C GLU B 93 -32.41 -11.36 6.59
N LYS B 94 -32.02 -12.04 7.68
CA LYS B 94 -31.92 -11.45 9.02
C LYS B 94 -30.66 -10.57 9.20
N GLY B 95 -29.73 -10.65 8.24
CA GLY B 95 -28.51 -9.84 8.26
C GLY B 95 -27.33 -10.44 9.01
N ASN B 96 -26.15 -9.77 8.89
CA ASN B 96 -24.89 -10.20 9.52
C ASN B 96 -24.91 -10.13 11.05
N GLY B 97 -25.81 -9.33 11.62
CA GLY B 97 -25.98 -9.22 13.07
C GLY B 97 -26.53 -10.50 13.66
N TYR B 98 -27.39 -11.20 12.88
CA TYR B 98 -27.96 -12.49 13.24
C TYR B 98 -26.85 -13.53 13.09
N SER B 99 -26.03 -13.42 12.01
CA SER B 99 -24.90 -14.32 11.77
C SER B 99 -23.92 -14.31 12.95
N LEU B 100 -23.77 -13.13 13.62
CA LEU B 100 -22.94 -13.00 14.81
C LEU B 100 -23.62 -13.76 15.98
N LEU B 101 -24.92 -13.51 16.19
CA LEU B 101 -25.72 -14.12 17.24
C LEU B 101 -25.72 -15.65 17.15
N VAL B 102 -25.73 -16.20 15.92
CA VAL B 102 -25.65 -17.64 15.60
C VAL B 102 -24.37 -18.27 16.19
N ALA B 103 -23.26 -17.51 16.26
CA ALA B 103 -21.96 -17.98 16.75
C ALA B 103 -21.79 -17.98 18.28
N LYS B 104 -22.73 -17.38 19.03
CA LYS B 104 -22.68 -17.26 20.51
C LYS B 104 -22.14 -18.49 21.27
N ASN B 105 -22.59 -19.70 20.90
CA ASN B 105 -22.22 -20.94 21.57
C ASN B 105 -21.00 -21.67 20.98
N HIS B 106 -20.25 -20.98 20.12
CA HIS B 106 -19.02 -21.53 19.53
C HIS B 106 -17.82 -20.70 19.93
N VAL B 107 -18.04 -19.68 20.77
CA VAL B 107 -17.01 -18.76 21.27
C VAL B 107 -17.18 -18.44 22.76
N GLU B 108 -16.04 -18.18 23.42
CA GLU B 108 -16.00 -17.78 24.81
C GLU B 108 -14.93 -16.75 25.02
N ASP B 109 -15.23 -15.72 25.84
CA ASP B 109 -14.33 -14.59 26.15
C ASP B 109 -13.92 -13.84 24.87
N ARG B 110 -12.63 -13.48 24.69
CA ARG B 110 -12.18 -12.78 23.50
C ARG B 110 -12.10 -13.60 22.22
N PHE B 111 -12.50 -12.98 21.11
CA PHE B 111 -12.51 -13.59 19.77
C PHE B 111 -12.48 -12.51 18.67
N ILE B 112 -11.94 -12.89 17.54
CA ILE B 112 -11.84 -12.04 16.36
C ILE B 112 -13.11 -12.24 15.54
N LEU B 113 -13.66 -11.13 15.01
CA LEU B 113 -14.80 -11.14 14.11
C LEU B 113 -14.48 -10.32 12.85
N THR B 114 -14.50 -10.99 11.69
CA THR B 114 -14.23 -10.38 10.39
C THR B 114 -15.22 -10.87 9.30
N MET B 115 -15.10 -10.31 8.06
CA MET B 115 -15.95 -10.65 6.90
C MET B 115 -15.20 -11.36 5.78
N GLY B 116 -15.96 -12.15 5.03
CA GLY B 116 -15.49 -12.90 3.87
C GLY B 116 -15.67 -12.09 2.60
N ASP B 117 -16.17 -10.83 2.75
CA ASP B 117 -16.37 -9.78 1.71
C ASP B 117 -14.97 -9.21 1.39
N HIS B 118 -14.32 -8.73 2.48
CA HIS B 118 -13.07 -7.98 2.63
C HIS B 118 -11.72 -8.66 2.39
N VAL B 119 -10.81 -7.87 1.82
CA VAL B 119 -9.44 -8.24 1.53
C VAL B 119 -8.55 -7.41 2.45
N TYR B 120 -7.54 -8.04 3.11
CA TYR B 120 -6.64 -7.35 4.02
C TYR B 120 -5.17 -7.61 3.70
N SER B 121 -4.32 -6.68 4.13
CA SER B 121 -2.87 -6.78 3.99
C SER B 121 -2.34 -7.38 5.29
N GLN B 122 -1.10 -7.92 5.28
CA GLN B 122 -0.45 -8.47 6.48
C GLN B 122 -0.32 -7.39 7.56
N GLN B 123 0.12 -6.17 7.13
CA GLN B 123 0.33 -4.95 7.92
C GLN B 123 -0.95 -4.52 8.63
N PHE B 124 -2.09 -4.67 7.94
CA PHE B 124 -3.41 -4.38 8.51
C PHE B 124 -3.72 -5.42 9.60
N ILE B 125 -3.64 -6.71 9.21
CA ILE B 125 -3.94 -7.83 10.12
C ILE B 125 -3.12 -7.76 11.42
N GLU B 126 -1.79 -7.59 11.26
CA GLU B 126 -0.83 -7.49 12.36
C GLU B 126 -1.21 -6.45 13.41
N LYS B 127 -1.70 -5.29 12.97
CA LYS B 127 -2.13 -4.22 13.85
C LYS B 127 -3.52 -4.48 14.43
N ALA B 128 -4.49 -4.95 13.57
CA ALA B 128 -5.89 -5.17 13.97
C ALA B 128 -6.04 -6.27 15.03
N VAL B 129 -5.25 -7.31 14.88
CA VAL B 129 -5.19 -8.48 15.76
C VAL B 129 -4.93 -8.07 17.22
N ARG B 130 -4.19 -6.99 17.42
CA ARG B 130 -3.81 -6.43 18.71
C ARG B 130 -4.86 -5.49 19.28
N GLY B 131 -5.87 -5.19 18.48
CA GLY B 131 -6.92 -4.24 18.83
C GLY B 131 -8.00 -4.71 19.78
N GLU B 132 -8.93 -3.79 20.08
CA GLU B 132 -10.08 -4.00 20.94
C GLU B 132 -11.31 -3.29 20.35
N GLY B 133 -12.44 -3.97 20.29
CA GLY B 133 -13.69 -3.41 19.78
C GLY B 133 -13.74 -3.36 18.27
N VAL B 134 -14.12 -2.19 17.71
CA VAL B 134 -14.18 -1.98 16.26
C VAL B 134 -12.82 -1.54 15.76
N ILE B 135 -12.33 -2.19 14.70
CA ILE B 135 -11.08 -1.75 14.07
C ILE B 135 -11.52 -0.75 13.00
N ALA B 136 -11.24 0.54 13.23
CA ALA B 136 -11.63 1.61 12.34
C ALA B 136 -10.44 2.32 11.68
N ASP B 137 -10.66 2.83 10.46
CA ASP B 137 -9.67 3.52 9.66
C ASP B 137 -10.05 4.98 9.51
N ARG B 138 -9.22 5.87 10.03
CA ARG B 138 -9.51 7.29 9.88
C ARG B 138 -8.74 7.95 8.71
N GLU B 139 -8.06 7.12 7.90
CA GLU B 139 -7.32 7.50 6.69
C GLU B 139 -7.62 6.49 5.55
N PRO B 140 -8.90 6.26 5.14
CA PRO B 140 -9.15 5.25 4.10
C PRO B 140 -8.40 5.58 2.83
N ARG B 141 -7.35 4.82 2.54
CA ARG B 141 -6.51 5.09 1.37
C ARG B 141 -7.01 4.44 0.09
N PHE B 142 -7.61 3.26 0.21
CA PHE B 142 -8.09 2.60 -0.98
C PHE B 142 -9.60 2.72 -1.20
N VAL B 143 -10.39 2.59 -0.15
CA VAL B 143 -11.85 2.60 -0.25
C VAL B 143 -12.48 3.99 -0.46
N ASP B 144 -13.62 4.02 -1.19
CA ASP B 144 -14.41 5.22 -1.45
C ASP B 144 -15.13 5.59 -0.16
N ILE B 145 -14.78 6.75 0.38
CA ILE B 145 -15.32 7.28 1.62
C ILE B 145 -16.85 7.48 1.63
N GLY B 146 -17.42 7.79 0.46
CA GLY B 146 -18.85 8.02 0.30
C GLY B 146 -19.71 6.78 0.48
N GLU B 147 -19.22 5.66 -0.06
CA GLU B 147 -19.85 4.34 -0.02
C GLU B 147 -19.53 3.50 1.23
N ALA B 148 -18.55 3.93 2.03
CA ALA B 148 -18.12 3.21 3.22
C ALA B 148 -19.03 3.41 4.47
N THR B 149 -19.01 2.42 5.40
CA THR B 149 -19.76 2.50 6.66
C THR B 149 -18.92 3.42 7.54
N LYS B 150 -19.48 4.56 7.90
CA LYS B 150 -18.79 5.59 8.67
C LYS B 150 -19.10 5.45 10.13
N ILE B 151 -18.23 5.99 11.00
CA ILE B 151 -18.41 5.93 12.44
C ILE B 151 -18.09 7.28 13.05
N ARG B 152 -18.95 7.72 13.97
CA ARG B 152 -18.75 8.92 14.76
C ARG B 152 -18.31 8.42 16.14
N VAL B 153 -17.12 8.85 16.59
CA VAL B 153 -16.50 8.41 17.84
C VAL B 153 -16.61 9.47 18.94
N GLU B 154 -17.16 9.06 20.10
CA GLU B 154 -17.27 9.92 21.28
C GLU B 154 -16.69 9.17 22.48
N ASP B 155 -15.70 9.81 23.15
CA ASP B 155 -14.97 9.30 24.32
C ASP B 155 -14.36 7.89 24.07
N GLY B 156 -13.86 7.67 22.86
CA GLY B 156 -13.23 6.43 22.43
C GLY B 156 -14.18 5.28 22.17
N ARG B 157 -15.50 5.57 22.12
CA ARG B 157 -16.54 4.57 21.89
C ARG B 157 -17.44 4.98 20.72
N VAL B 158 -18.09 4.00 20.06
CA VAL B 158 -19.01 4.23 18.93
C VAL B 158 -20.24 5.02 19.40
N ALA B 159 -20.41 6.24 18.88
CA ALA B 159 -21.56 7.09 19.17
C ALA B 159 -22.60 6.92 18.05
N LYS B 160 -22.14 6.90 16.79
CA LYS B 160 -22.98 6.70 15.60
C LYS B 160 -22.22 5.86 14.57
N ILE B 161 -22.97 5.18 13.71
CA ILE B 161 -22.44 4.29 12.67
C ILE B 161 -23.45 4.18 11.53
N GLY B 162 -22.96 3.99 10.30
CA GLY B 162 -23.80 3.86 9.11
C GLY B 162 -23.20 4.48 7.87
N LYS B 163 -23.56 3.93 6.69
CA LYS B 163 -23.12 4.35 5.35
C LYS B 163 -23.52 5.79 4.92
N ASP B 164 -24.49 6.42 5.61
CA ASP B 164 -24.99 7.75 5.25
C ASP B 164 -24.85 8.80 6.38
N LEU B 165 -23.77 8.71 7.17
CA LEU B 165 -23.50 9.65 8.24
C LEU B 165 -23.09 11.04 7.71
N ARG B 166 -23.48 12.09 8.44
CA ARG B 166 -23.20 13.50 8.15
C ARG B 166 -21.92 13.90 8.89
N GLU B 167 -21.84 13.58 10.18
CA GLU B 167 -20.69 13.82 11.03
C GLU B 167 -20.02 12.48 11.29
N PHE B 168 -18.71 12.34 10.99
CA PHE B 168 -17.95 11.11 11.21
C PHE B 168 -16.46 11.33 11.37
N ASP B 169 -15.80 10.48 12.15
CA ASP B 169 -14.38 10.55 12.46
C ASP B 169 -13.58 9.50 11.69
N CYS B 170 -14.23 8.35 11.34
CA CYS B 170 -13.54 7.19 10.77
C CYS B 170 -14.44 6.30 9.95
N VAL B 171 -13.84 5.22 9.38
CA VAL B 171 -14.54 4.23 8.57
C VAL B 171 -14.39 2.80 9.11
N ASP B 172 -15.49 2.04 9.07
CA ASP B 172 -15.56 0.65 9.50
C ASP B 172 -14.84 -0.29 8.55
N THR B 173 -13.83 -0.99 9.08
CA THR B 173 -13.13 -2.05 8.37
C THR B 173 -13.99 -3.24 8.75
N GLY B 174 -13.90 -4.36 8.06
CA GLY B 174 -14.74 -5.47 8.49
C GLY B 174 -14.06 -6.26 9.61
N PHE B 175 -13.60 -5.58 10.69
CA PHE B 175 -12.78 -6.19 11.73
C PHE B 175 -13.12 -5.76 13.09
N PHE B 176 -13.18 -6.76 13.97
CA PHE B 176 -13.53 -6.53 15.35
C PHE B 176 -12.81 -7.52 16.26
N VAL B 177 -12.61 -7.10 17.50
CA VAL B 177 -12.04 -7.93 18.55
C VAL B 177 -13.05 -7.81 19.69
N LEU B 178 -13.92 -8.82 19.76
CA LEU B 178 -15.03 -8.83 20.72
C LEU B 178 -14.85 -9.79 21.86
N ASP B 179 -15.66 -9.60 22.89
CA ASP B 179 -15.77 -10.44 24.08
C ASP B 179 -17.23 -10.95 24.18
N ASP B 180 -17.55 -11.72 25.23
CA ASP B 180 -18.89 -12.28 25.49
C ASP B 180 -19.96 -11.19 25.69
N SER B 181 -19.54 -10.00 26.21
CA SER B 181 -20.38 -8.81 26.48
C SER B 181 -21.24 -8.35 25.28
N ILE B 182 -20.83 -8.70 24.04
CA ILE B 182 -21.53 -8.36 22.79
C ILE B 182 -22.94 -8.98 22.69
N PHE B 183 -23.03 -10.29 22.94
CA PHE B 183 -24.24 -11.10 22.83
C PHE B 183 -25.45 -10.61 23.65
N GLU B 184 -25.18 -9.87 24.75
CA GLU B 184 -26.17 -9.24 25.63
C GLU B 184 -26.91 -8.14 24.85
N HIS B 185 -26.15 -7.36 24.04
CA HIS B 185 -26.64 -6.27 23.19
C HIS B 185 -27.30 -6.82 21.93
N ALA B 186 -26.68 -7.86 21.30
CA ALA B 186 -27.20 -8.53 20.10
C ALA B 186 -28.53 -9.26 20.34
N GLU B 187 -28.81 -9.64 21.62
CA GLU B 187 -30.02 -10.32 22.06
C GLU B 187 -31.24 -9.38 21.95
N LYS B 188 -31.05 -8.10 22.38
CA LYS B 188 -32.06 -7.04 22.34
C LYS B 188 -32.69 -6.80 20.95
N LEU B 189 -32.11 -7.38 19.88
CA LEU B 189 -32.60 -7.23 18.51
C LEU B 189 -33.10 -8.53 17.89
N ARG B 190 -33.14 -9.63 18.67
CA ARG B 190 -33.61 -10.93 18.19
C ARG B 190 -34.98 -10.87 17.48
N ASP B 191 -35.91 -10.03 17.98
CA ASP B 191 -37.26 -9.87 17.45
C ASP B 191 -37.42 -8.81 16.33
N ARG B 192 -36.33 -8.55 15.57
CA ARG B 192 -36.36 -7.62 14.44
C ARG B 192 -36.17 -8.44 13.17
N GLU B 193 -36.94 -8.13 12.09
CA GLU B 193 -36.88 -8.87 10.80
C GLU B 193 -35.49 -8.91 10.16
N GLU B 194 -34.72 -7.84 10.43
CA GLU B 194 -33.36 -7.61 9.96
C GLU B 194 -32.52 -7.10 11.14
N ILE B 195 -31.36 -7.74 11.36
CA ILE B 195 -30.40 -7.40 12.41
C ILE B 195 -29.07 -6.96 11.76
N PRO B 196 -28.81 -5.64 11.66
CA PRO B 196 -27.52 -5.20 11.10
C PRO B 196 -26.45 -5.20 12.20
N LEU B 197 -25.22 -5.64 11.86
CA LEU B 197 -24.10 -5.68 12.80
C LEU B 197 -23.90 -4.32 13.44
N SER B 198 -23.98 -3.28 12.61
CA SER B 198 -23.84 -1.87 12.94
C SER B 198 -24.75 -1.45 14.10
N GLU B 199 -26.01 -1.92 14.11
CA GLU B 199 -26.95 -1.61 15.17
C GLU B 199 -26.54 -2.21 16.52
N ILE B 200 -25.97 -3.44 16.50
CA ILE B 200 -25.45 -4.12 17.69
C ILE B 200 -24.30 -3.30 18.25
N VAL B 201 -23.32 -2.96 17.34
CA VAL B 201 -22.13 -2.15 17.59
C VAL B 201 -22.55 -0.83 18.28
N LYS B 202 -23.58 -0.16 17.72
CA LYS B 202 -24.17 1.08 18.22
C LYS B 202 -24.71 0.88 19.64
N LEU B 203 -25.57 -0.14 19.83
CA LEU B 203 -26.15 -0.49 21.13
C LEU B 203 -25.03 -0.81 22.14
N ALA B 204 -24.02 -1.65 21.72
CA ALA B 204 -22.87 -2.04 22.54
C ALA B 204 -21.96 -0.88 22.94
N ARG B 205 -22.01 0.26 22.18
CA ARG B 205 -21.17 1.45 22.39
C ARG B 205 -19.70 0.99 22.42
N LEU B 206 -19.36 0.12 21.44
CA LEU B 206 -18.07 -0.53 21.30
C LEU B 206 -16.87 0.40 21.31
N PRO B 207 -15.77 0.04 22.02
CA PRO B 207 -14.57 0.86 21.97
C PRO B 207 -14.02 0.80 20.54
N VAL B 208 -13.29 1.86 20.16
CA VAL B 208 -12.75 1.91 18.81
C VAL B 208 -11.24 1.84 18.85
N THR B 209 -10.67 1.03 17.94
CA THR B 209 -9.23 0.91 17.75
C THR B 209 -8.93 1.38 16.34
N TYR B 210 -7.93 2.27 16.19
CA TYR B 210 -7.58 2.79 14.87
C TYR B 210 -6.41 2.08 14.26
N VAL B 211 -6.59 1.65 13.01
CA VAL B 211 -5.55 1.04 12.17
C VAL B 211 -5.72 1.90 10.88
N ASP B 212 -4.90 2.96 10.81
CA ASP B 212 -4.96 3.99 9.79
C ASP B 212 -4.12 3.81 8.56
N GLY B 213 -4.75 4.01 7.41
CA GLY B 213 -4.13 4.01 6.10
C GLY B 213 -3.47 2.73 5.65
N GLU B 214 -3.87 1.59 6.22
CA GLU B 214 -3.35 0.29 5.81
C GLU B 214 -4.21 -0.26 4.67
N LEU B 215 -3.66 -1.14 3.85
CA LEU B 215 -4.44 -1.69 2.75
C LEU B 215 -5.51 -2.68 3.21
N TRP B 216 -6.75 -2.36 2.84
CA TRP B 216 -7.96 -3.14 3.07
C TRP B 216 -9.05 -2.66 2.09
N MET B 217 -9.93 -3.57 1.65
CA MET B 217 -11.02 -3.28 0.72
C MET B 217 -12.12 -4.34 0.68
N ASP B 218 -13.36 -3.87 0.56
CA ASP B 218 -14.53 -4.73 0.44
C ASP B 218 -14.74 -5.01 -1.05
N VAL B 219 -15.34 -6.16 -1.36
CA VAL B 219 -15.67 -6.52 -2.74
C VAL B 219 -17.20 -6.72 -2.81
N ASP B 220 -17.84 -6.09 -3.82
CA ASP B 220 -19.28 -6.07 -4.06
C ASP B 220 -19.63 -6.16 -5.56
N LEU C 18 12.87 -25.13 46.86
CA LEU C 18 13.96 -26.06 46.55
C LEU C 18 13.49 -27.10 45.58
N MET C 19 14.32 -27.36 44.57
CA MET C 19 14.04 -28.38 43.57
C MET C 19 15.21 -28.96 42.85
N LYS C 20 14.94 -30.12 42.27
CA LYS C 20 15.75 -30.96 41.40
C LYS C 20 15.18 -30.81 40.03
N ALA C 21 15.91 -31.24 39.00
CA ALA C 21 15.43 -31.12 37.64
C ALA C 21 15.55 -32.47 36.95
N VAL C 22 14.39 -33.02 36.54
CA VAL C 22 14.30 -34.28 35.80
C VAL C 22 14.30 -34.00 34.30
N ILE C 23 15.30 -34.49 33.59
CA ILE C 23 15.35 -34.34 32.13
C ILE C 23 15.13 -35.73 31.49
N LEU C 24 13.99 -35.92 30.81
CA LEU C 24 13.65 -37.17 30.10
C LEU C 24 14.43 -37.27 28.79
N ALA C 25 15.20 -38.36 28.60
CA ALA C 25 16.04 -38.63 27.43
C ALA C 25 16.07 -40.12 27.14
N ALA C 26 14.98 -40.82 27.44
CA ALA C 26 14.96 -42.29 27.27
C ALA C 26 14.25 -42.85 26.02
N GLY C 27 13.10 -42.24 25.65
CA GLY C 27 12.23 -42.63 24.54
C GLY C 27 12.86 -43.14 23.24
N LEU C 28 12.08 -43.95 22.49
CA LEU C 28 12.43 -44.56 21.21
C LEU C 28 12.85 -43.56 20.14
N ARG C 31 16.55 -40.26 19.25
CA ARG C 31 17.69 -40.50 18.37
C ARG C 31 17.53 -39.93 16.96
N LEU C 32 18.54 -39.16 16.52
CA LEU C 32 18.60 -38.55 15.19
C LEU C 32 19.60 -39.36 14.35
N GLY C 33 19.24 -40.63 14.17
CA GLY C 33 20.02 -41.66 13.49
C GLY C 33 20.77 -42.46 14.53
N GLY C 34 22.06 -42.20 14.63
CA GLY C 34 22.93 -42.82 15.63
C GLY C 34 23.31 -41.84 16.73
N VAL C 35 22.88 -40.56 16.58
CA VAL C 35 23.14 -39.47 17.51
C VAL C 35 21.96 -39.27 18.51
N PRO C 36 22.22 -39.27 19.83
CA PRO C 36 21.12 -39.02 20.79
C PRO C 36 20.64 -37.57 20.69
N LYS C 37 19.31 -37.38 20.78
CA LYS C 37 18.67 -36.08 20.67
C LYS C 37 19.26 -35.00 21.61
N PRO C 38 19.53 -35.30 22.91
CA PRO C 38 20.11 -34.25 23.78
C PRO C 38 21.55 -33.87 23.42
N LEU C 39 22.21 -34.66 22.58
CA LEU C 39 23.58 -34.38 22.19
C LEU C 39 23.68 -33.71 20.83
N VAL C 40 22.51 -33.38 20.25
CA VAL C 40 22.44 -32.67 18.98
C VAL C 40 22.75 -31.19 19.27
N ARG C 41 23.75 -30.66 18.56
CA ARG C 41 24.19 -29.28 18.73
C ARG C 41 23.36 -28.27 17.95
N VAL C 42 22.64 -27.42 18.69
CA VAL C 42 21.80 -26.35 18.15
C VAL C 42 22.48 -25.03 18.55
N GLY C 43 22.92 -24.28 17.55
CA GLY C 43 23.61 -23.01 17.77
C GLY C 43 24.99 -23.14 18.40
N GLY C 44 25.65 -24.27 18.13
CA GLY C 44 26.99 -24.57 18.64
C GLY C 44 27.05 -25.05 20.06
N CYS C 45 25.93 -25.58 20.57
CA CYS C 45 25.79 -26.09 21.94
C CYS C 45 24.72 -27.16 21.96
N GLU C 46 24.99 -28.28 22.66
CA GLU C 46 24.06 -29.39 22.71
C GLU C 46 22.80 -29.08 23.50
N ILE C 47 21.68 -29.64 23.05
CA ILE C 47 20.38 -29.38 23.66
C ILE C 47 20.40 -29.46 25.19
N ILE C 48 20.82 -30.63 25.73
CA ILE C 48 20.92 -30.86 27.18
C ILE C 48 21.85 -29.86 27.89
N LEU C 49 23.02 -29.53 27.28
CA LEU C 49 23.95 -28.58 27.85
C LEU C 49 23.31 -27.21 28.02
N ARG C 50 22.62 -26.70 26.95
CA ARG C 50 21.90 -25.42 26.96
C ARG C 50 20.94 -25.41 28.14
N THR C 51 20.06 -26.44 28.24
CA THR C 51 19.06 -26.56 29.30
C THR C 51 19.69 -26.63 30.70
N MET C 52 20.79 -27.40 30.86
CA MET C 52 21.46 -27.54 32.14
C MET C 52 22.13 -26.25 32.62
N LYS C 53 22.81 -25.54 31.69
CA LYS C 53 23.45 -24.26 31.96
C LYS C 53 22.40 -23.30 32.46
N LEU C 54 21.22 -23.25 31.80
CA LEU C 54 20.13 -22.34 32.13
C LEU C 54 19.45 -22.65 33.44
N LEU C 55 19.31 -23.95 33.73
CA LEU C 55 18.65 -24.45 34.91
C LEU C 55 19.50 -24.43 36.18
N SER C 56 20.82 -24.60 36.01
CA SER C 56 21.79 -24.75 37.09
C SER C 56 21.65 -23.80 38.28
N PRO C 57 21.29 -22.51 38.13
CA PRO C 57 21.18 -21.66 39.34
C PRO C 57 19.83 -21.78 40.09
N HIS C 58 18.91 -22.68 39.60
CA HIS C 58 17.57 -22.82 40.23
C HIS C 58 17.31 -24.24 40.76
N VAL C 59 18.25 -25.13 40.47
CA VAL C 59 18.06 -26.56 40.72
C VAL C 59 19.20 -27.15 41.55
N SER C 60 18.91 -28.03 42.52
CA SER C 60 19.95 -28.65 43.37
C SER C 60 20.71 -29.82 42.75
N GLU C 61 20.15 -30.46 41.68
CA GLU C 61 20.74 -31.62 40.98
C GLU C 61 19.89 -31.98 39.74
N PHE C 62 20.55 -32.67 38.80
CA PHE C 62 19.92 -33.11 37.57
C PHE C 62 19.70 -34.58 37.50
N ILE C 63 18.43 -34.97 37.40
CA ILE C 63 18.08 -36.37 37.24
C ILE C 63 17.74 -36.69 35.77
N ILE C 64 18.76 -37.15 35.03
CA ILE C 64 18.61 -37.50 33.62
C ILE C 64 18.11 -38.95 33.46
N VAL C 65 16.78 -39.13 33.20
CA VAL C 65 16.18 -40.44 32.96
C VAL C 65 16.52 -40.81 31.51
N ALA C 66 17.45 -41.74 31.31
CA ALA C 66 17.92 -42.16 29.98
C ALA C 66 17.77 -43.69 29.79
N SER C 67 18.01 -44.20 28.56
CA SER C 67 17.87 -45.62 28.27
C SER C 67 18.96 -46.06 27.26
N ARG C 68 18.64 -46.28 25.99
CA ARG C 68 19.67 -46.73 25.04
C ARG C 68 20.96 -45.88 24.99
N TYR C 69 20.84 -44.54 25.19
CA TYR C 69 21.96 -43.61 25.08
C TYR C 69 22.55 -43.12 26.39
N ALA C 70 22.12 -43.71 27.52
CA ALA C 70 22.57 -43.39 28.87
C ALA C 70 24.07 -43.25 29.03
N ASP C 71 24.85 -44.13 28.36
CA ASP C 71 26.32 -44.13 28.45
C ASP C 71 26.95 -42.96 27.75
N ASP C 72 26.37 -42.58 26.61
CA ASP C 72 26.83 -41.47 25.78
C ASP C 72 26.65 -40.11 26.48
N ILE C 73 25.46 -39.93 27.12
CA ILE C 73 25.09 -38.75 27.89
C ILE C 73 26.05 -38.56 29.06
N ASP C 74 26.23 -39.63 29.88
CA ASP C 74 27.10 -39.69 31.04
C ASP C 74 28.55 -39.29 30.68
N ALA C 75 29.08 -39.88 29.59
CA ALA C 75 30.43 -39.60 29.10
C ALA C 75 30.58 -38.14 28.71
N PHE C 76 29.54 -37.58 28.08
CA PHE C 76 29.50 -36.19 27.65
C PHE C 76 29.51 -35.24 28.86
N LEU C 77 28.60 -35.52 29.84
CA LEU C 77 28.37 -34.73 31.03
C LEU C 77 29.43 -34.81 32.13
N LYS C 78 30.32 -35.81 32.09
CA LYS C 78 31.38 -35.98 33.11
C LYS C 78 32.32 -34.77 33.26
N ASP C 79 32.81 -34.26 32.14
CA ASP C 79 33.72 -33.11 32.06
C ASP C 79 33.00 -31.75 32.21
N LYS C 80 31.68 -31.76 32.28
CA LYS C 80 30.91 -30.53 32.48
C LYS C 80 30.71 -30.36 33.99
N GLY C 81 30.67 -29.11 34.44
CA GLY C 81 30.61 -28.80 35.86
C GLY C 81 29.31 -28.90 36.59
N PHE C 82 28.40 -29.78 36.14
CA PHE C 82 27.07 -29.93 36.78
C PHE C 82 26.97 -31.09 37.71
N ASN C 83 26.04 -30.95 38.71
CA ASN C 83 25.74 -31.97 39.67
C ASN C 83 24.62 -32.83 39.07
N TYR C 84 24.98 -33.97 38.45
CA TYR C 84 23.98 -34.84 37.81
C TYR C 84 24.01 -36.30 38.27
N LYS C 85 22.91 -37.01 37.95
CA LYS C 85 22.68 -38.43 38.20
C LYS C 85 21.97 -39.03 36.98
N ILE C 86 22.52 -40.10 36.40
CA ILE C 86 21.91 -40.85 35.28
C ILE C 86 21.04 -41.98 35.89
N VAL C 87 19.75 -41.96 35.61
CA VAL C 87 18.81 -42.99 36.08
C VAL C 87 18.42 -43.78 34.83
N ARG C 88 18.81 -45.06 34.80
CA ARG C 88 18.59 -45.93 33.62
C ARG C 88 17.39 -46.84 33.69
N HIS C 89 16.74 -47.03 32.54
CA HIS C 89 15.67 -47.97 32.36
C HIS C 89 15.82 -48.72 31.04
N ASP C 90 15.10 -49.83 30.91
CA ASP C 90 15.19 -50.76 29.78
C ASP C 90 13.93 -50.78 28.91
N ARG C 91 12.89 -50.03 29.31
CA ARG C 91 11.62 -49.99 28.60
C ARG C 91 11.29 -48.65 27.85
N PRO C 92 12.00 -48.28 26.73
CA PRO C 92 11.68 -47.02 26.03
C PRO C 92 10.31 -47.03 25.33
N GLU C 93 9.81 -48.24 25.04
CA GLU C 93 8.50 -48.47 24.40
C GLU C 93 7.32 -48.13 25.33
N LYS C 94 7.58 -48.03 26.64
CA LYS C 94 6.58 -47.71 27.64
C LYS C 94 6.22 -46.22 27.66
N GLY C 95 7.02 -45.39 26.97
CA GLY C 95 6.80 -43.94 26.85
C GLY C 95 7.41 -43.09 27.94
N ASN C 96 7.34 -41.75 27.76
CA ASN C 96 7.89 -40.74 28.69
C ASN C 96 7.15 -40.69 30.02
N GLY C 97 5.92 -41.20 30.08
CA GLY C 97 5.15 -41.28 31.32
C GLY C 97 5.78 -42.30 32.27
N TYR C 98 6.40 -43.36 31.71
CA TYR C 98 7.12 -44.40 32.46
C TYR C 98 8.44 -43.80 32.90
N SER C 99 9.09 -43.01 32.02
CA SER C 99 10.35 -42.33 32.32
C SER C 99 10.18 -41.40 33.54
N LEU C 100 8.99 -40.81 33.71
CA LEU C 100 8.64 -39.98 34.86
C LEU C 100 8.54 -40.89 36.09
N LEU C 101 7.79 -42.00 35.98
CA LEU C 101 7.59 -42.98 37.07
C LEU C 101 8.91 -43.56 37.58
N VAL C 102 9.87 -43.80 36.67
CA VAL C 102 11.23 -44.27 36.96
C VAL C 102 11.97 -43.33 37.95
N ALA C 103 11.71 -42.00 37.86
CA ALA C 103 12.35 -40.97 38.67
C ALA C 103 11.75 -40.74 40.06
N LYS C 104 10.60 -41.36 40.38
CA LYS C 104 9.91 -41.23 41.67
C LYS C 104 10.83 -41.17 42.94
N ASN C 105 11.83 -42.07 43.00
CA ASN C 105 12.73 -42.20 44.15
C ASN C 105 14.02 -41.38 44.06
N HIS C 106 14.08 -40.46 43.12
CA HIS C 106 15.23 -39.58 42.97
C HIS C 106 14.81 -38.13 43.17
N VAL C 107 13.52 -37.90 43.52
CA VAL C 107 12.91 -36.58 43.76
C VAL C 107 11.98 -36.58 44.95
N GLU C 108 11.91 -35.44 45.62
CA GLU C 108 11.02 -35.21 46.76
C GLU C 108 10.49 -33.78 46.70
N ASP C 109 9.17 -33.61 46.96
CA ASP C 109 8.45 -32.35 46.92
C ASP C 109 8.52 -31.71 45.50
N ARG C 110 8.76 -30.40 45.38
CA ARG C 110 8.85 -29.75 44.07
C ARG C 110 10.06 -30.13 43.22
N PHE C 111 9.84 -30.27 41.90
CA PHE C 111 10.88 -30.59 40.91
C PHE C 111 10.53 -30.18 39.46
N ILE C 112 11.55 -30.12 38.59
CA ILE C 112 11.39 -29.72 37.21
C ILE C 112 11.38 -30.94 36.29
N LEU C 113 10.51 -30.89 35.30
CA LEU C 113 10.38 -31.98 34.36
C LEU C 113 10.40 -31.32 32.99
N THR C 114 11.47 -31.57 32.22
CA THR C 114 11.63 -31.04 30.89
C THR C 114 11.98 -32.20 29.95
N MET C 115 12.07 -31.98 28.60
CA MET C 115 12.41 -33.04 27.64
C MET C 115 13.76 -32.73 27.02
N GLY C 116 14.65 -33.70 26.96
CA GLY C 116 16.00 -33.50 26.40
C GLY C 116 16.04 -33.26 24.91
N ASP C 117 14.82 -33.05 24.38
CA ASP C 117 14.27 -32.83 23.04
C ASP C 117 14.11 -31.33 22.66
N HIS C 118 13.75 -30.54 23.64
CA HIS C 118 13.41 -29.14 23.51
C HIS C 118 14.57 -28.19 23.80
N VAL C 119 14.67 -27.14 22.97
CA VAL C 119 15.65 -26.06 23.10
C VAL C 119 14.91 -24.89 23.76
N TYR C 120 15.50 -24.28 24.78
CA TYR C 120 14.90 -23.14 25.45
C TYR C 120 15.85 -21.94 25.56
N SER C 121 15.29 -20.74 25.61
CA SER C 121 16.00 -19.47 25.77
C SER C 121 16.07 -19.18 27.28
N GLN C 122 16.99 -18.29 27.72
CA GLN C 122 17.13 -17.88 29.11
C GLN C 122 15.83 -17.28 29.64
N GLN C 123 15.23 -16.37 28.86
CA GLN C 123 13.97 -15.64 29.08
C GLN C 123 12.81 -16.61 29.32
N PHE C 124 12.78 -17.72 28.56
CA PHE C 124 11.78 -18.77 28.71
C PHE C 124 12.01 -19.48 30.04
N ILE C 125 13.25 -19.95 30.26
CA ILE C 125 13.60 -20.68 31.49
C ILE C 125 13.38 -19.82 32.77
N GLU C 126 13.61 -18.51 32.70
CA GLU C 126 13.53 -17.64 33.86
C GLU C 126 12.09 -17.43 34.30
N LYS C 127 11.17 -17.54 33.35
CA LYS C 127 9.75 -17.42 33.64
C LYS C 127 9.24 -18.77 34.03
N ALA C 128 9.62 -19.84 33.26
CA ALA C 128 9.21 -21.23 33.49
C ALA C 128 9.54 -21.74 34.88
N VAL C 129 10.83 -21.59 35.34
CA VAL C 129 11.30 -22.03 36.68
C VAL C 129 10.43 -21.49 37.81
N ARG C 130 9.82 -20.33 37.55
CA ARG C 130 9.04 -19.61 38.55
C ARG C 130 7.58 -20.04 38.57
N GLY C 131 7.20 -20.92 37.62
CA GLY C 131 5.84 -21.42 37.44
C GLY C 131 5.43 -22.68 38.20
N GLU C 132 4.21 -23.17 37.90
CA GLU C 132 3.56 -24.31 38.54
C GLU C 132 2.75 -25.13 37.52
N GLY C 133 2.90 -26.45 37.54
CA GLY C 133 2.17 -27.35 36.65
C GLY C 133 2.75 -27.42 35.26
N VAL C 134 1.91 -27.29 34.25
CA VAL C 134 2.34 -27.32 32.85
C VAL C 134 2.73 -25.90 32.44
N ILE C 135 3.90 -25.74 31.83
CA ILE C 135 4.30 -24.46 31.31
C ILE C 135 3.79 -24.48 29.88
N ALA C 136 2.78 -23.63 29.60
CA ALA C 136 2.16 -23.58 28.27
C ALA C 136 2.32 -22.23 27.61
N ASP C 137 2.38 -22.26 26.28
CA ASP C 137 2.56 -21.08 25.43
C ASP C 137 1.28 -20.81 24.66
N ARG C 138 0.66 -19.66 24.92
CA ARG C 138 -0.53 -19.29 24.16
C ARG C 138 -0.24 -18.37 22.95
N GLU C 139 1.06 -18.15 22.65
CA GLU C 139 1.58 -17.36 21.55
C GLU C 139 2.77 -18.10 20.88
N PRO C 140 2.62 -19.34 20.38
CA PRO C 140 3.79 -20.03 19.78
C PRO C 140 4.38 -19.24 18.65
N ARG C 141 5.53 -18.61 18.86
CA ARG C 141 6.14 -17.79 17.81
C ARG C 141 7.09 -18.56 16.94
N PHE C 142 7.67 -19.65 17.46
CA PHE C 142 8.73 -20.41 16.78
C PHE C 142 8.40 -21.83 16.35
N VAL C 143 7.29 -22.36 16.86
CA VAL C 143 6.83 -23.70 16.51
C VAL C 143 5.52 -23.70 15.66
N ASP C 144 5.39 -24.73 14.79
CA ASP C 144 4.22 -24.99 13.94
C ASP C 144 3.07 -25.43 14.83
N ILE C 145 2.04 -24.59 14.89
CA ILE C 145 0.85 -24.79 15.71
C ILE C 145 0.07 -26.10 15.39
N GLY C 146 0.10 -26.52 14.12
CA GLY C 146 -0.59 -27.69 13.64
C GLY C 146 -0.04 -28.99 14.17
N GLU C 147 1.30 -29.08 14.24
CA GLU C 147 2.07 -30.23 14.70
C GLU C 147 2.33 -30.25 16.23
N ALA C 148 2.00 -29.17 16.93
CA ALA C 148 2.25 -29.05 18.35
C ALA C 148 1.21 -29.74 19.23
N THR C 149 1.60 -30.13 20.46
CA THR C 149 0.69 -30.71 21.43
C THR C 149 -0.08 -29.54 21.98
N LYS C 150 -1.39 -29.53 21.76
CA LYS C 150 -2.29 -28.45 22.18
C LYS C 150 -2.93 -28.76 23.50
N ILE C 151 -3.36 -27.74 24.24
CA ILE C 151 -4.00 -27.90 25.52
C ILE C 151 -5.25 -27.00 25.59
N ARG C 152 -6.36 -27.56 26.10
CA ARG C 152 -7.59 -26.84 26.36
C ARG C 152 -7.61 -26.64 27.89
N VAL C 153 -7.66 -25.38 28.31
CA VAL C 153 -7.63 -24.99 29.73
C VAL C 153 -9.01 -24.60 30.27
N GLU C 154 -9.41 -25.24 31.37
CA GLU C 154 -10.65 -24.93 32.08
C GLU C 154 -10.35 -24.68 33.55
N ASP C 155 -10.76 -23.51 34.04
CA ASP C 155 -10.56 -23.03 35.40
C ASP C 155 -9.08 -23.07 35.87
N GLY C 156 -8.18 -22.75 34.93
CA GLY C 156 -6.75 -22.73 35.17
C GLY C 156 -6.08 -24.09 35.26
N ARG C 157 -6.80 -25.16 34.87
CA ARG C 157 -6.32 -26.55 34.90
C ARG C 157 -6.49 -27.22 33.54
N VAL C 158 -5.66 -28.24 33.24
CA VAL C 158 -5.72 -29.01 31.98
C VAL C 158 -7.05 -29.78 31.87
N ALA C 159 -7.89 -29.41 30.89
CA ALA C 159 -9.16 -30.08 30.61
C ALA C 159 -8.93 -31.10 29.48
N LYS C 160 -8.16 -30.73 28.43
CA LYS C 160 -7.82 -31.60 27.31
C LYS C 160 -6.41 -31.30 26.84
N ILE C 161 -5.79 -32.28 26.16
CA ILE C 161 -4.41 -32.22 25.69
C ILE C 161 -4.26 -33.19 24.53
N GLY C 162 -3.38 -32.87 23.58
CA GLY C 162 -3.11 -33.70 22.42
C GLY C 162 -2.84 -32.90 21.15
N LYS C 163 -2.05 -33.51 20.25
CA LYS C 163 -1.64 -32.96 18.96
C LYS C 163 -2.76 -32.68 17.94
N ASP C 164 -3.97 -33.24 18.16
CA ASP C 164 -5.07 -33.10 17.20
C ASP C 164 -6.33 -32.45 17.77
N LEU C 165 -6.17 -31.55 18.76
CA LEU C 165 -7.30 -30.87 19.38
C LEU C 165 -8.00 -29.88 18.42
N ARG C 166 -9.34 -29.75 18.55
CA ARG C 166 -10.17 -28.83 17.75
C ARG C 166 -10.30 -27.51 18.48
N GLU C 167 -10.57 -27.56 19.79
CA GLU C 167 -10.65 -26.38 20.66
C GLU C 167 -9.43 -26.42 21.58
N PHE C 168 -8.65 -25.33 21.61
CA PHE C 168 -7.45 -25.21 22.45
C PHE C 168 -7.09 -23.78 22.76
N ASP C 169 -6.49 -23.57 23.93
CA ASP C 169 -6.11 -22.26 24.45
C ASP C 169 -4.60 -21.99 24.32
N CYS C 170 -3.78 -23.05 24.38
CA CYS C 170 -2.31 -22.94 24.35
C CYS C 170 -1.62 -24.15 23.72
N VAL C 171 -0.30 -24.14 23.81
CA VAL C 171 0.56 -25.22 23.33
C VAL C 171 1.56 -25.69 24.43
N ASP C 172 1.75 -27.03 24.52
CA ASP C 172 2.64 -27.69 25.45
C ASP C 172 4.11 -27.43 25.10
N THR C 173 4.81 -26.76 26.02
CA THR C 173 6.22 -26.41 25.91
C THR C 173 7.18 -27.58 26.25
N GLY C 174 6.67 -28.64 26.88
CA GLY C 174 7.50 -29.77 27.29
C GLY C 174 8.31 -29.51 28.55
N PHE C 175 7.85 -28.52 29.36
CA PHE C 175 8.45 -28.06 30.58
C PHE C 175 7.37 -28.00 31.65
N PHE C 176 7.63 -28.64 32.82
CA PHE C 176 6.68 -28.74 33.91
C PHE C 176 7.36 -28.46 35.23
N VAL C 177 6.57 -28.02 36.22
CA VAL C 177 7.02 -27.79 37.58
C VAL C 177 6.05 -28.63 38.41
N LEU C 178 6.51 -29.84 38.80
CA LEU C 178 5.68 -30.80 39.52
C LEU C 178 6.05 -30.97 40.99
N ASP C 179 5.14 -31.60 41.74
CA ASP C 179 5.30 -31.96 43.15
C ASP C 179 5.09 -33.50 43.25
N ASP C 180 5.21 -34.09 44.46
CA ASP C 180 5.10 -35.54 44.69
C ASP C 180 3.80 -36.17 44.20
N SER C 181 2.64 -35.47 44.41
CA SER C 181 1.29 -35.89 44.02
C SER C 181 1.15 -36.37 42.58
N ILE C 182 2.10 -36.01 41.73
CA ILE C 182 2.02 -36.44 40.35
C ILE C 182 2.19 -37.96 40.19
N PHE C 183 2.99 -38.56 41.06
CA PHE C 183 3.20 -40.01 40.92
C PHE C 183 1.97 -40.82 41.25
N GLU C 184 1.10 -40.26 42.15
CA GLU C 184 -0.18 -40.83 42.53
C GLU C 184 -1.03 -41.11 41.27
N HIS C 185 -1.08 -40.15 40.33
CA HIS C 185 -1.81 -40.23 39.06
C HIS C 185 -1.07 -41.12 38.07
N ALA C 186 0.26 -41.02 38.01
CA ALA C 186 1.09 -41.83 37.12
C ALA C 186 1.02 -43.33 37.47
N GLU C 187 0.85 -43.64 38.77
CA GLU C 187 0.77 -45.01 39.31
C GLU C 187 -0.40 -45.76 38.68
N LYS C 188 -1.57 -45.08 38.57
CA LYS C 188 -2.81 -45.59 37.98
C LYS C 188 -2.64 -46.12 36.52
N LEU C 189 -1.47 -45.91 35.89
CA LEU C 189 -1.19 -46.37 34.53
C LEU C 189 -0.03 -47.36 34.45
N ARG C 190 0.52 -47.77 35.59
CA ARG C 190 1.66 -48.72 35.65
C ARG C 190 1.47 -49.99 34.80
N ASP C 191 0.23 -50.54 34.81
CA ASP C 191 -0.13 -51.77 34.10
C ASP C 191 -0.60 -51.56 32.65
N ARG C 192 -0.11 -50.48 31.99
CA ARG C 192 -0.42 -50.20 30.58
C ARG C 192 0.86 -50.38 29.77
N GLU C 193 0.76 -51.01 28.58
CA GLU C 193 1.91 -51.28 27.68
C GLU C 193 2.69 -50.03 27.27
N GLU C 194 1.95 -48.88 27.21
CA GLU C 194 2.45 -47.55 26.88
C GLU C 194 1.84 -46.55 27.85
N ILE C 195 2.71 -45.70 28.44
CA ILE C 195 2.33 -44.64 29.38
C ILE C 195 2.72 -43.26 28.80
N PRO C 196 1.74 -42.50 28.23
CA PRO C 196 2.09 -41.18 27.70
C PRO C 196 2.02 -40.13 28.80
N LEU C 197 2.99 -39.19 28.81
CA LEU C 197 3.04 -38.12 29.80
C LEU C 197 1.72 -37.34 29.81
N SER C 198 1.20 -37.04 28.61
CA SER C 198 -0.04 -36.31 28.35
C SER C 198 -1.22 -36.90 29.10
N GLU C 199 -1.32 -38.26 29.16
CA GLU C 199 -2.40 -38.95 29.88
C GLU C 199 -2.33 -38.71 31.37
N ILE C 200 -1.10 -38.70 31.95
CA ILE C 200 -0.86 -38.43 33.37
C ILE C 200 -1.31 -37.00 33.65
N VAL C 201 -0.82 -36.04 32.84
CA VAL C 201 -1.13 -34.59 32.88
C VAL C 201 -2.65 -34.39 32.91
N LYS C 202 -3.36 -35.06 31.95
CA LYS C 202 -4.82 -35.07 31.81
C LYS C 202 -5.46 -35.59 33.12
N LEU C 203 -4.98 -36.78 33.63
CA LEU C 203 -5.45 -37.43 34.86
C LEU C 203 -5.22 -36.55 36.07
N ALA C 204 -4.02 -35.91 36.14
CA ALA C 204 -3.64 -35.03 37.22
C ALA C 204 -4.42 -33.72 37.23
N ARG C 205 -5.02 -33.32 36.05
CA ARG C 205 -5.76 -32.05 35.86
C ARG C 205 -4.84 -30.91 36.30
N LEU C 206 -3.60 -30.99 35.83
CA LEU C 206 -2.51 -30.09 36.17
C LEU C 206 -2.81 -28.61 36.00
N PRO C 207 -2.40 -27.74 36.98
CA PRO C 207 -2.58 -26.31 36.79
C PRO C 207 -1.70 -25.86 35.63
N VAL C 208 -2.10 -24.78 34.96
CA VAL C 208 -1.36 -24.31 33.79
C VAL C 208 -0.76 -22.96 34.09
N THR C 209 0.51 -22.79 33.72
CA THR C 209 1.23 -21.52 33.84
C THR C 209 1.60 -21.11 32.42
N TYR C 210 1.33 -19.85 32.08
CA TYR C 210 1.64 -19.35 30.76
C TYR C 210 2.95 -18.59 30.69
N VAL C 211 3.77 -18.97 29.70
CA VAL C 211 5.04 -18.36 29.34
C VAL C 211 4.88 -18.17 27.85
N ASP C 212 4.38 -16.98 27.48
CA ASP C 212 3.98 -16.64 26.12
C ASP C 212 5.01 -15.97 25.23
N GLY C 213 5.11 -16.50 24.02
CA GLY C 213 5.91 -15.96 22.93
C GLY C 213 7.40 -15.91 23.16
N GLU C 214 7.92 -16.74 24.08
CA GLU C 214 9.37 -16.81 24.33
C GLU C 214 9.96 -17.84 23.39
N LEU C 215 11.27 -17.75 23.13
CA LEU C 215 11.89 -18.72 22.25
C LEU C 215 12.04 -20.12 22.88
N TRP C 216 11.45 -21.11 22.22
CA TRP C 216 11.49 -22.53 22.55
C TRP C 216 11.13 -23.33 21.29
N MET C 217 11.70 -24.53 21.13
CA MET C 217 11.47 -25.43 19.99
C MET C 217 11.89 -26.87 20.25
N ASP C 218 11.11 -27.82 19.75
CA ASP C 218 11.41 -29.24 19.84
C ASP C 218 12.27 -29.60 18.64
N VAL C 219 13.07 -30.65 18.75
CA VAL C 219 13.90 -31.08 17.63
C VAL C 219 13.50 -32.52 17.24
N ASP C 220 13.35 -32.78 15.91
CA ASP C 220 12.92 -34.04 15.32
C ASP C 220 13.64 -34.33 14.01
N ILE D 16 12.53 -6.96 -1.32
CA ILE D 16 13.60 -6.79 -2.31
C ILE D 16 13.15 -7.16 -3.74
N LYS D 17 13.92 -6.71 -4.76
CA LYS D 17 13.67 -7.09 -6.17
C LYS D 17 13.96 -8.60 -6.25
N LEU D 18 13.04 -9.35 -6.88
CA LEU D 18 13.15 -10.80 -7.02
C LEU D 18 14.52 -11.24 -7.50
N MET D 19 15.02 -12.31 -6.84
CA MET D 19 16.28 -12.95 -7.21
C MET D 19 16.25 -14.44 -6.95
N LYS D 20 17.30 -15.12 -7.40
CA LYS D 20 17.47 -16.54 -7.18
C LYS D 20 18.09 -16.74 -5.80
N ALA D 21 17.71 -17.86 -5.15
CA ALA D 21 18.23 -18.26 -3.83
C ALA D 21 18.84 -19.64 -3.93
N VAL D 22 20.18 -19.72 -3.77
CA VAL D 22 20.95 -20.95 -3.72
C VAL D 22 20.99 -21.46 -2.28
N ILE D 23 20.45 -22.67 -2.05
CA ILE D 23 20.49 -23.33 -0.74
C ILE D 23 21.45 -24.52 -0.80
N LEU D 24 22.61 -24.43 -0.11
CA LEU D 24 23.58 -25.54 -0.08
C LEU D 24 23.08 -26.63 0.87
N ALA D 25 22.82 -27.83 0.31
CA ALA D 25 22.36 -29.03 1.03
C ALA D 25 23.33 -30.24 0.83
N ALA D 26 24.61 -29.93 0.51
CA ALA D 26 25.71 -30.86 0.29
C ALA D 26 26.99 -30.21 0.83
N GLY D 27 27.88 -31.01 1.41
CA GLY D 27 29.17 -30.55 1.92
C GLY D 27 29.13 -29.66 3.14
N LEU D 28 27.94 -29.57 3.80
CA LEU D 28 27.75 -28.78 5.02
C LEU D 28 28.63 -29.32 6.18
N GLY D 29 28.96 -30.63 6.08
CA GLY D 29 29.65 -31.43 7.07
C GLY D 29 28.59 -32.05 7.96
N THR D 30 28.74 -33.33 8.35
CA THR D 30 27.74 -33.98 9.20
C THR D 30 28.24 -34.91 10.30
N ARG D 31 27.44 -34.96 11.36
CA ARG D 31 27.54 -35.84 12.52
C ARG D 31 26.54 -36.98 12.23
N LEU D 32 25.40 -36.64 11.58
CA LEU D 32 24.28 -37.52 11.23
C LEU D 32 24.53 -38.54 10.10
N GLY D 33 24.05 -39.75 10.32
CA GLY D 33 24.09 -40.87 9.40
C GLY D 33 22.70 -41.25 8.93
N GLY D 34 22.51 -41.24 7.61
CA GLY D 34 21.24 -41.57 6.97
C GLY D 34 20.22 -40.45 6.99
N VAL D 35 20.54 -39.33 7.69
CA VAL D 35 19.66 -38.17 7.79
C VAL D 35 20.22 -36.90 7.16
N PRO D 36 19.43 -36.25 6.26
CA PRO D 36 19.87 -34.99 5.66
C PRO D 36 19.48 -33.83 6.58
N LYS D 37 20.47 -32.99 6.94
CA LYS D 37 20.32 -31.79 7.79
C LYS D 37 19.12 -30.90 7.43
N PRO D 38 18.84 -30.60 6.12
CA PRO D 38 17.66 -29.78 5.79
C PRO D 38 16.31 -30.44 6.06
N LEU D 39 16.31 -31.75 6.31
CA LEU D 39 15.06 -32.47 6.57
C LEU D 39 14.82 -32.68 8.05
N VAL D 40 15.71 -32.12 8.89
CA VAL D 40 15.57 -32.17 10.36
C VAL D 40 14.48 -31.17 10.73
N ARG D 41 13.45 -31.64 11.43
CA ARG D 41 12.32 -30.83 11.86
C ARG D 41 12.62 -30.06 13.15
N VAL D 42 12.67 -28.72 13.03
CA VAL D 42 12.90 -27.77 14.13
C VAL D 42 11.58 -27.05 14.32
N GLY D 43 10.98 -27.21 15.48
CA GLY D 43 9.69 -26.59 15.79
C GLY D 43 8.50 -27.12 15.00
N GLY D 44 8.57 -28.37 14.56
CA GLY D 44 7.51 -29.03 13.80
C GLY D 44 7.52 -28.70 12.31
N CYS D 45 8.69 -28.26 11.79
CA CYS D 45 8.89 -27.87 10.40
C CYS D 45 10.33 -28.05 10.02
N GLU D 46 10.59 -28.63 8.85
CA GLU D 46 11.95 -28.91 8.40
C GLU D 46 12.73 -27.68 8.06
N ILE D 47 14.05 -27.71 8.37
CA ILE D 47 14.94 -26.56 8.18
C ILE D 47 14.75 -25.87 6.83
N ILE D 48 14.91 -26.62 5.73
CA ILE D 48 14.77 -26.13 4.36
C ILE D 48 13.38 -25.52 4.09
N LEU D 49 12.31 -26.17 4.58
CA LEU D 49 10.96 -25.66 4.43
C LEU D 49 10.80 -24.29 5.09
N ARG D 50 11.27 -24.13 6.34
CA ARG D 50 11.25 -22.86 7.10
C ARG D 50 11.91 -21.75 6.29
N THR D 51 13.15 -21.99 5.82
CA THR D 51 13.94 -21.04 5.03
C THR D 51 13.25 -20.69 3.70
N MET D 52 12.70 -21.69 3.00
CA MET D 52 12.01 -21.51 1.71
C MET D 52 10.74 -20.69 1.86
N LYS D 53 9.93 -20.99 2.87
CA LYS D 53 8.71 -20.26 3.17
C LYS D 53 9.04 -18.79 3.42
N LEU D 54 10.08 -18.52 4.20
CA LEU D 54 10.53 -17.15 4.54
C LEU D 54 11.10 -16.37 3.36
N LEU D 55 11.93 -17.01 2.54
CA LEU D 55 12.55 -16.36 1.38
C LEU D 55 11.62 -16.21 0.17
N SER D 56 10.64 -17.13 0.00
CA SER D 56 9.69 -17.13 -1.10
C SER D 56 9.19 -15.76 -1.61
N PRO D 57 8.78 -14.75 -0.77
CA PRO D 57 8.32 -13.47 -1.34
C PRO D 57 9.42 -12.60 -1.94
N HIS D 58 10.68 -12.98 -1.77
CA HIS D 58 11.82 -12.26 -2.32
C HIS D 58 12.47 -13.09 -3.42
N VAL D 59 11.98 -14.36 -3.59
CA VAL D 59 12.56 -15.37 -4.49
C VAL D 59 11.71 -15.82 -5.70
N SER D 60 12.37 -15.75 -6.89
CA SER D 60 11.82 -16.20 -8.14
C SER D 60 11.87 -17.76 -8.17
N GLU D 61 13.11 -18.30 -8.24
CA GLU D 61 13.44 -19.71 -8.28
C GLU D 61 14.47 -20.08 -7.18
N PHE D 62 14.27 -21.22 -6.48
CA PHE D 62 15.19 -21.72 -5.44
C PHE D 62 16.13 -22.76 -6.06
N ILE D 63 17.44 -22.62 -5.88
CA ILE D 63 18.44 -23.56 -6.41
C ILE D 63 19.12 -24.39 -5.26
N ILE D 64 18.67 -25.65 -5.07
CA ILE D 64 19.16 -26.55 -4.02
C ILE D 64 20.36 -27.40 -4.48
N VAL D 65 21.61 -26.99 -4.12
CA VAL D 65 22.81 -27.76 -4.45
C VAL D 65 22.88 -28.92 -3.44
N ALA D 66 22.57 -30.15 -3.88
CA ALA D 66 22.57 -31.35 -3.06
C ALA D 66 23.50 -32.45 -3.63
N SER D 67 23.71 -33.53 -2.86
CA SER D 67 24.56 -34.64 -3.31
C SER D 67 23.99 -35.95 -2.81
N ARG D 68 24.54 -36.46 -1.68
CA ARG D 68 24.20 -37.70 -0.99
C ARG D 68 22.72 -37.83 -0.62
N TYR D 69 21.96 -36.72 -0.58
CA TYR D 69 20.55 -36.76 -0.20
C TYR D 69 19.61 -36.08 -1.21
N ALA D 70 20.13 -35.73 -2.41
CA ALA D 70 19.40 -35.06 -3.50
C ALA D 70 18.01 -35.61 -3.79
N ASP D 71 17.88 -36.95 -3.82
CA ASP D 71 16.62 -37.62 -4.11
C ASP D 71 15.60 -37.48 -3.01
N ASP D 72 16.08 -37.52 -1.76
CA ASP D 72 15.25 -37.41 -0.54
C ASP D 72 14.62 -36.02 -0.42
N ILE D 73 15.44 -34.98 -0.70
CA ILE D 73 15.06 -33.56 -0.66
C ILE D 73 13.99 -33.30 -1.72
N ASP D 74 14.28 -33.70 -2.99
CA ASP D 74 13.40 -33.60 -4.17
C ASP D 74 12.03 -34.20 -3.88
N ALA D 75 11.99 -35.43 -3.35
CA ALA D 75 10.77 -36.16 -3.01
C ALA D 75 10.00 -35.43 -1.92
N PHE D 76 10.72 -34.88 -0.95
CA PHE D 76 10.14 -34.10 0.14
C PHE D 76 9.59 -32.75 -0.45
N LEU D 77 10.27 -32.15 -1.44
CA LEU D 77 9.84 -30.85 -2.04
C LEU D 77 8.68 -30.80 -3.09
N LYS D 78 8.15 -31.96 -3.54
CA LYS D 78 7.12 -32.08 -4.59
C LYS D 78 5.79 -31.34 -4.35
N ASP D 79 4.94 -31.85 -3.45
CA ASP D 79 3.63 -31.28 -3.07
C ASP D 79 3.77 -29.90 -2.39
N LYS D 80 5.04 -29.37 -2.41
CA LYS D 80 5.44 -28.09 -1.84
C LYS D 80 5.60 -27.06 -2.99
N GLY D 81 4.67 -26.09 -3.05
CA GLY D 81 4.57 -25.05 -4.07
C GLY D 81 5.72 -24.06 -4.14
N PHE D 82 6.91 -24.54 -4.41
CA PHE D 82 8.08 -23.70 -4.50
C PHE D 82 8.74 -23.95 -5.82
N ASN D 83 9.10 -22.89 -6.51
CA ASN D 83 9.72 -23.07 -7.80
C ASN D 83 11.17 -23.46 -7.55
N TYR D 84 11.46 -24.78 -7.57
CA TYR D 84 12.80 -25.26 -7.28
C TYR D 84 13.45 -26.11 -8.36
N LYS D 85 14.78 -26.19 -8.27
CA LYS D 85 15.67 -26.93 -9.13
C LYS D 85 16.73 -27.60 -8.23
N ILE D 86 16.88 -28.95 -8.34
CA ILE D 86 17.90 -29.70 -7.60
C ILE D 86 19.13 -29.79 -8.50
N VAL D 87 20.27 -29.29 -8.04
CA VAL D 87 21.52 -29.32 -8.79
C VAL D 87 22.41 -30.33 -8.06
N ARG D 88 22.74 -31.45 -8.71
CA ARG D 88 23.49 -32.55 -8.12
C ARG D 88 24.99 -32.59 -8.43
N HIS D 89 25.76 -33.03 -7.43
CA HIS D 89 27.19 -33.28 -7.55
C HIS D 89 27.58 -34.56 -6.81
N ASP D 90 28.79 -35.06 -7.07
CA ASP D 90 29.30 -36.33 -6.56
C ASP D 90 30.46 -36.18 -5.57
N ARG D 91 30.91 -34.94 -5.33
CA ARG D 91 32.05 -34.69 -4.44
C ARG D 91 31.71 -33.96 -3.10
N PRO D 92 31.01 -34.60 -2.11
CA PRO D 92 30.71 -33.90 -0.84
C PRO D 92 31.93 -33.65 0.03
N GLU D 93 33.02 -34.42 -0.22
CA GLU D 93 34.30 -34.29 0.49
C GLU D 93 35.04 -33.00 0.12
N LYS D 94 34.67 -32.37 -1.00
CA LYS D 94 35.25 -31.13 -1.49
C LYS D 94 34.77 -29.88 -0.71
N GLY D 95 33.71 -30.02 0.11
CA GLY D 95 33.18 -28.93 0.94
C GLY D 95 32.13 -28.05 0.30
N ASN D 96 31.53 -27.14 1.09
CA ASN D 96 30.50 -26.18 0.66
C ASN D 96 30.96 -25.15 -0.36
N GLY D 97 32.27 -24.89 -0.42
CA GLY D 97 32.84 -23.98 -1.40
C GLY D 97 32.72 -24.53 -2.81
N TYR D 98 32.81 -25.87 -2.93
CA TYR D 98 32.65 -26.59 -4.19
C TYR D 98 31.16 -26.57 -4.54
N SER D 99 30.29 -26.76 -3.53
CA SER D 99 28.83 -26.72 -3.70
C SER D 99 28.39 -25.37 -4.31
N LEU D 100 29.10 -24.26 -3.95
CA LEU D 100 28.86 -22.93 -4.49
C LEU D 100 29.29 -22.91 -5.96
N LEU D 101 30.51 -23.40 -6.25
CA LEU D 101 31.07 -23.48 -7.60
C LEU D 101 30.18 -24.27 -8.56
N VAL D 102 29.55 -25.35 -8.06
CA VAL D 102 28.61 -26.21 -8.79
C VAL D 102 27.39 -25.39 -9.32
N ALA D 103 26.98 -24.35 -8.58
CA ALA D 103 25.82 -23.50 -8.92
C ALA D 103 26.08 -22.38 -9.96
N LYS D 104 27.36 -22.14 -10.33
CA LYS D 104 27.81 -21.12 -11.27
C LYS D 104 26.88 -20.86 -12.49
N ASN D 105 26.47 -21.94 -13.17
CA ASN D 105 25.66 -21.85 -14.37
C ASN D 105 24.14 -21.91 -14.17
N HIS D 106 23.70 -21.72 -12.93
CA HIS D 106 22.27 -21.70 -12.60
C HIS D 106 21.88 -20.33 -12.06
N VAL D 107 22.87 -19.41 -11.95
CA VAL D 107 22.72 -18.05 -11.43
C VAL D 107 23.42 -17.00 -12.31
N GLU D 108 22.83 -15.80 -12.33
CA GLU D 108 23.34 -14.64 -13.04
C GLU D 108 23.09 -13.39 -12.20
N ASP D 109 24.11 -12.51 -12.14
CA ASP D 109 24.11 -11.27 -11.38
C ASP D 109 23.90 -11.51 -9.87
N ARG D 110 22.95 -10.80 -9.24
CA ARG D 110 22.64 -10.85 -7.81
C ARG D 110 21.77 -12.02 -7.34
N PHE D 111 22.29 -12.79 -6.36
CA PHE D 111 21.61 -13.95 -5.81
C PHE D 111 21.89 -14.14 -4.31
N ILE D 112 20.93 -14.77 -3.64
CA ILE D 112 21.02 -15.12 -2.22
C ILE D 112 21.68 -16.50 -2.11
N LEU D 113 22.60 -16.63 -1.13
CA LEU D 113 23.28 -17.90 -0.81
C LEU D 113 23.17 -18.19 0.69
N THR D 114 22.50 -19.30 1.00
CA THR D 114 22.29 -19.79 2.36
C THR D 114 22.58 -21.28 2.50
N MET D 115 22.80 -21.73 3.74
CA MET D 115 23.09 -23.10 4.12
C MET D 115 21.78 -23.77 4.55
N GLY D 116 21.60 -25.04 4.15
CA GLY D 116 20.43 -25.85 4.51
C GLY D 116 20.52 -26.31 5.95
N ASP D 117 21.67 -25.95 6.58
CA ASP D 117 22.13 -26.14 7.94
C ASP D 117 21.36 -25.26 8.94
N HIS D 118 21.11 -23.99 8.56
CA HIS D 118 20.60 -22.90 9.38
C HIS D 118 19.12 -22.66 9.47
N VAL D 119 18.71 -22.21 10.64
CA VAL D 119 17.34 -21.83 10.95
C VAL D 119 17.34 -20.30 11.12
N TYR D 120 16.40 -19.60 10.47
CA TYR D 120 16.31 -18.16 10.56
C TYR D 120 14.93 -17.69 10.97
N SER D 121 14.86 -16.48 11.53
CA SER D 121 13.61 -15.84 11.90
C SER D 121 13.21 -14.95 10.72
N GLN D 122 11.93 -14.54 10.67
CA GLN D 122 11.44 -13.63 9.63
C GLN D 122 12.19 -12.29 9.68
N GLN D 123 12.38 -11.75 10.91
CA GLN D 123 13.07 -10.48 11.24
C GLN D 123 14.51 -10.50 10.75
N PHE D 124 15.17 -11.67 10.85
CA PHE D 124 16.54 -11.85 10.34
C PHE D 124 16.49 -11.79 8.81
N ILE D 125 15.62 -12.66 8.19
CA ILE D 125 15.49 -12.77 6.73
C ILE D 125 15.23 -11.40 6.10
N GLU D 126 14.22 -10.68 6.64
CA GLU D 126 13.79 -9.37 6.18
C GLU D 126 14.92 -8.39 6.05
N LYS D 127 15.84 -8.37 7.02
CA LYS D 127 16.99 -7.48 7.05
C LYS D 127 18.10 -7.99 6.14
N ALA D 128 18.38 -9.30 6.19
CA ALA D 128 19.44 -10.00 5.46
C ALA D 128 19.32 -9.87 3.94
N VAL D 129 18.07 -10.08 3.41
CA VAL D 129 17.76 -9.99 1.97
C VAL D 129 18.12 -8.63 1.37
N ARG D 130 18.02 -7.54 2.19
CA ARG D 130 18.34 -6.17 1.78
C ARG D 130 19.87 -5.89 1.84
N GLY D 131 20.64 -6.84 2.37
CA GLY D 131 22.08 -6.68 2.55
C GLY D 131 22.92 -7.02 1.35
N GLU D 132 24.24 -6.88 1.51
CA GLU D 132 25.26 -7.11 0.49
C GLU D 132 26.47 -7.84 1.11
N GLY D 133 26.98 -8.86 0.42
CA GLY D 133 28.13 -9.64 0.85
C GLY D 133 27.79 -10.66 1.93
N VAL D 134 28.58 -10.69 3.02
CA VAL D 134 28.37 -11.57 4.15
C VAL D 134 27.42 -10.89 5.11
N ILE D 135 26.36 -11.60 5.50
CA ILE D 135 25.46 -11.09 6.53
C ILE D 135 26.09 -11.60 7.83
N ALA D 136 26.61 -10.67 8.64
CA ALA D 136 27.29 -10.96 9.89
C ALA D 136 26.59 -10.37 11.10
N ASP D 137 26.75 -11.04 12.23
CA ASP D 137 26.12 -10.69 13.48
C ASP D 137 27.16 -10.30 14.49
N ARG D 138 27.13 -9.05 14.94
CA ARG D 138 28.08 -8.63 15.95
C ARG D 138 27.53 -8.70 17.39
N GLU D 139 26.32 -9.26 17.54
CA GLU D 139 25.61 -9.48 18.80
C GLU D 139 24.97 -10.89 18.81
N PRO D 140 25.72 -11.99 18.65
CA PRO D 140 25.08 -13.32 18.62
C PRO D 140 24.30 -13.59 19.90
N ARG D 141 22.97 -13.56 19.80
CA ARG D 141 22.12 -13.78 20.96
C ARG D 141 21.77 -15.24 21.25
N PHE D 142 21.65 -16.05 20.20
CA PHE D 142 21.33 -17.46 20.43
C PHE D 142 22.53 -18.38 20.35
N VAL D 143 23.39 -18.17 19.35
CA VAL D 143 24.55 -19.04 19.14
C VAL D 143 25.71 -18.83 20.12
N ASP D 144 26.49 -19.90 20.37
CA ASP D 144 27.64 -19.86 21.26
C ASP D 144 28.77 -19.17 20.51
N ILE D 145 29.21 -18.03 21.03
CA ILE D 145 30.29 -17.22 20.47
C ILE D 145 31.65 -17.94 20.32
N GLY D 146 31.95 -18.86 21.22
CA GLY D 146 33.20 -19.61 21.21
C GLY D 146 33.32 -20.60 20.06
N GLU D 147 32.19 -21.25 19.74
CA GLU D 147 32.08 -22.27 18.69
C GLU D 147 31.69 -21.70 17.32
N ALA D 148 31.37 -20.41 17.25
CA ALA D 148 30.96 -19.77 15.99
C ALA D 148 32.10 -19.38 15.06
N THR D 149 31.81 -19.28 13.73
CA THR D 149 32.79 -18.82 12.72
C THR D 149 32.86 -17.32 12.88
N LYS D 150 34.01 -16.81 13.31
CA LYS D 150 34.21 -15.40 13.59
C LYS D 150 34.78 -14.68 12.38
N ILE D 151 34.56 -13.36 12.31
CA ILE D 151 35.05 -12.51 11.21
C ILE D 151 35.70 -11.24 11.77
N ARG D 152 36.88 -10.90 11.25
CA ARG D 152 37.59 -9.67 11.56
C ARG D 152 37.34 -8.78 10.33
N VAL D 153 36.74 -7.60 10.57
CA VAL D 153 36.35 -6.65 9.53
C VAL D 153 37.32 -5.46 9.44
N GLU D 154 37.84 -5.22 8.22
CA GLU D 154 38.70 -4.09 7.92
C GLU D 154 38.16 -3.35 6.72
N ASP D 155 37.90 -2.03 6.89
CA ASP D 155 37.35 -1.13 5.87
C ASP D 155 36.02 -1.63 5.25
N GLY D 156 35.18 -2.25 6.10
CA GLY D 156 33.89 -2.81 5.69
C GLY D 156 33.95 -4.09 4.89
N ARG D 157 35.13 -4.72 4.82
CA ARG D 157 35.36 -5.96 4.08
C ARG D 157 36.00 -7.04 4.98
N VAL D 158 35.80 -8.33 4.63
CA VAL D 158 36.36 -9.47 5.37
C VAL D 158 37.88 -9.46 5.30
N ALA D 159 38.55 -9.27 6.46
CA ALA D 159 40.00 -9.30 6.58
C ALA D 159 40.43 -10.70 7.03
N LYS D 160 39.72 -11.27 8.02
CA LYS D 160 39.95 -12.63 8.52
C LYS D 160 38.63 -13.31 8.86
N ILE D 161 38.63 -14.65 8.83
CA ILE D 161 37.46 -15.50 9.07
C ILE D 161 37.92 -16.86 9.60
N GLY D 162 37.13 -17.47 10.48
CA GLY D 162 37.44 -18.77 11.07
C GLY D 162 36.95 -18.94 12.49
N LYS D 163 36.64 -20.21 12.88
CA LYS D 163 36.14 -20.60 14.21
C LYS D 163 37.09 -20.36 15.38
N ASP D 164 38.40 -20.14 15.10
CA ASP D 164 39.42 -19.95 16.15
C ASP D 164 40.14 -18.61 16.12
N LEU D 165 39.43 -17.53 15.73
CA LEU D 165 40.00 -16.19 15.68
C LEU D 165 40.21 -15.62 17.08
N ARG D 166 41.31 -14.88 17.21
CA ARG D 166 41.77 -14.20 18.43
C ARG D 166 41.07 -12.83 18.54
N GLU D 167 41.17 -12.02 17.45
CA GLU D 167 40.57 -10.71 17.26
C GLU D 167 39.45 -10.85 16.22
N PHE D 168 38.25 -10.41 16.59
CA PHE D 168 37.08 -10.45 15.71
C PHE D 168 36.06 -9.38 16.08
N ASP D 169 35.32 -8.93 15.05
CA ASP D 169 34.32 -7.90 15.16
C ASP D 169 32.92 -8.50 15.13
N CYS D 170 32.72 -9.60 14.38
CA CYS D 170 31.40 -10.22 14.19
C CYS D 170 31.46 -11.74 13.93
N VAL D 171 30.26 -12.37 13.87
CA VAL D 171 30.07 -13.80 13.60
C VAL D 171 29.34 -14.06 12.28
N ASP D 172 29.80 -15.09 11.53
CA ASP D 172 29.24 -15.53 10.26
C ASP D 172 27.89 -16.20 10.46
N THR D 173 26.85 -15.64 9.84
CA THR D 173 25.51 -16.23 9.85
C THR D 173 25.59 -17.20 8.66
N GLY D 174 24.53 -17.91 8.29
CA GLY D 174 24.75 -18.78 7.14
C GLY D 174 24.23 -18.16 5.87
N PHE D 175 24.21 -16.80 5.81
CA PHE D 175 23.59 -16.00 4.78
C PHE D 175 24.51 -15.06 4.07
N PHE D 176 24.31 -14.94 2.74
CA PHE D 176 25.09 -14.09 1.84
C PHE D 176 24.25 -13.55 0.70
N VAL D 177 24.64 -12.37 0.19
CA VAL D 177 24.02 -11.73 -0.97
C VAL D 177 25.18 -11.49 -1.94
N LEU D 178 25.33 -12.41 -2.90
CA LEU D 178 26.45 -12.43 -3.82
C LEU D 178 26.11 -12.04 -5.24
N ASP D 179 27.18 -11.78 -6.03
CA ASP D 179 27.16 -11.42 -7.44
C ASP D 179 27.88 -12.51 -8.21
N ASP D 180 28.03 -12.33 -9.54
CA ASP D 180 28.77 -13.25 -10.41
C ASP D 180 30.25 -13.33 -10.05
N SER D 181 30.85 -12.20 -9.61
CA SER D 181 32.27 -12.12 -9.25
C SER D 181 32.73 -13.08 -8.12
N ILE D 182 31.78 -13.74 -7.43
CA ILE D 182 32.08 -14.71 -6.38
C ILE D 182 32.75 -15.96 -6.94
N PHE D 183 32.39 -16.33 -8.19
CA PHE D 183 32.89 -17.51 -8.91
C PHE D 183 34.33 -17.32 -9.43
N GLU D 184 34.75 -16.05 -9.63
CA GLU D 184 36.10 -15.68 -10.06
C GLU D 184 37.05 -16.13 -8.96
N HIS D 185 36.63 -15.92 -7.69
CA HIS D 185 37.40 -16.30 -6.53
C HIS D 185 37.34 -17.78 -6.30
N ALA D 186 36.12 -18.36 -6.28
CA ALA D 186 35.89 -19.79 -6.10
C ALA D 186 36.68 -20.66 -7.09
N GLU D 187 36.91 -20.15 -8.32
CA GLU D 187 37.67 -20.80 -9.38
C GLU D 187 39.11 -21.09 -8.97
N LYS D 188 39.81 -20.08 -8.39
CA LYS D 188 41.21 -20.15 -7.91
C LYS D 188 41.42 -21.28 -6.89
N LEU D 189 40.31 -21.88 -6.40
CA LEU D 189 40.25 -22.95 -5.40
C LEU D 189 39.77 -24.32 -5.97
N ARG D 190 39.69 -24.48 -7.30
CA ARG D 190 39.26 -25.73 -7.97
C ARG D 190 40.22 -26.91 -7.74
N ASP D 191 41.54 -26.65 -7.73
CA ASP D 191 42.58 -27.67 -7.58
C ASP D 191 42.98 -28.00 -6.12
N ARG D 192 42.06 -27.78 -5.16
CA ARG D 192 42.28 -28.11 -3.74
C ARG D 192 41.34 -29.26 -3.37
N GLU D 193 41.84 -30.25 -2.59
CA GLU D 193 41.08 -31.44 -2.16
C GLU D 193 39.81 -31.11 -1.39
N GLU D 194 39.83 -29.98 -0.67
CA GLU D 194 38.74 -29.42 0.10
C GLU D 194 38.65 -27.92 -0.17
N ILE D 195 37.44 -27.43 -0.47
CA ILE D 195 37.14 -26.02 -0.74
C ILE D 195 36.17 -25.49 0.33
N PRO D 196 36.67 -24.77 1.37
CA PRO D 196 35.75 -24.20 2.38
C PRO D 196 35.21 -22.86 1.88
N LEU D 197 33.91 -22.61 2.11
CA LEU D 197 33.25 -21.36 1.71
C LEU D 197 34.01 -20.16 2.27
N SER D 198 34.42 -20.26 3.54
CA SER D 198 35.20 -19.26 4.30
C SER D 198 36.46 -18.80 3.56
N GLU D 199 37.18 -19.73 2.92
CA GLU D 199 38.39 -19.41 2.14
C GLU D 199 38.07 -18.57 0.92
N ILE D 200 36.94 -18.86 0.24
CA ILE D 200 36.46 -18.09 -0.94
C ILE D 200 36.14 -16.66 -0.46
N VAL D 201 35.34 -16.55 0.63
CA VAL D 201 34.92 -15.32 1.29
C VAL D 201 36.15 -14.46 1.60
N LYS D 202 37.19 -15.08 2.21
CA LYS D 202 38.48 -14.48 2.55
C LYS D 202 39.15 -13.94 1.28
N LEU D 203 39.26 -14.80 0.24
CA LEU D 203 39.85 -14.49 -1.06
C LEU D 203 39.11 -13.34 -1.74
N ALA D 204 37.75 -13.40 -1.72
CA ALA D 204 36.86 -12.39 -2.31
C ALA D 204 36.89 -11.04 -1.57
N ARG D 205 37.35 -11.03 -0.28
CA ARG D 205 37.40 -9.84 0.59
C ARG D 205 36.01 -9.20 0.60
N LEU D 206 35.01 -10.07 0.77
CA LEU D 206 33.60 -9.75 0.74
C LEU D 206 33.16 -8.61 1.63
N PRO D 207 32.28 -7.70 1.13
CA PRO D 207 31.77 -6.64 2.01
C PRO D 207 30.93 -7.29 3.10
N VAL D 208 30.86 -6.63 4.25
CA VAL D 208 30.11 -7.17 5.37
C VAL D 208 28.90 -6.31 5.68
N THR D 209 27.75 -6.95 5.89
CA THR D 209 26.50 -6.29 6.26
C THR D 209 26.15 -6.85 7.62
N TYR D 210 25.84 -5.97 8.58
CA TYR D 210 25.47 -6.38 9.92
C TYR D 210 23.99 -6.46 10.11
N VAL D 211 23.54 -7.61 10.64
CA VAL D 211 22.17 -7.91 11.05
C VAL D 211 22.42 -8.46 12.44
N ASP D 212 22.32 -7.54 13.42
CA ASP D 212 22.65 -7.79 14.81
C ASP D 212 21.54 -8.23 15.73
N GLY D 213 21.84 -9.28 16.48
CA GLY D 213 20.99 -9.80 17.54
C GLY D 213 19.68 -10.38 17.11
N GLU D 214 19.57 -10.79 15.83
CA GLU D 214 18.34 -11.42 15.36
C GLU D 214 18.40 -12.93 15.59
N LEU D 215 17.24 -13.61 15.65
CA LEU D 215 17.29 -15.05 15.84
C LEU D 215 17.74 -15.81 14.58
N TRP D 216 18.78 -16.59 14.74
CA TRP D 216 19.39 -17.47 13.75
C TRP D 216 20.25 -18.53 14.49
N MET D 217 20.34 -19.77 13.93
CA MET D 217 21.12 -20.87 14.48
C MET D 217 21.44 -21.95 13.48
N ASP D 218 22.66 -22.48 13.56
CA ASP D 218 23.13 -23.60 12.75
C ASP D 218 22.73 -24.89 13.50
N VAL D 219 22.54 -25.99 12.76
CA VAL D 219 22.21 -27.27 13.38
C VAL D 219 23.33 -28.26 13.10
N ASP D 220 23.80 -28.97 14.17
CA ASP D 220 24.91 -29.91 14.11
C ASP D 220 24.66 -31.15 15.01
N ILE E 16 -4.06 12.64 5.28
CA ILE E 16 -4.23 12.93 6.72
C ILE E 16 -5.45 12.23 7.32
N LYS E 17 -5.54 12.23 8.68
CA LYS E 17 -6.71 11.69 9.40
C LYS E 17 -7.88 12.59 9.08
N LEU E 18 -9.03 11.99 8.68
CA LEU E 18 -10.23 12.71 8.30
C LEU E 18 -10.62 13.79 9.27
N MET E 19 -10.99 14.93 8.70
CA MET E 19 -11.45 16.09 9.42
C MET E 19 -12.45 16.86 8.63
N LYS E 20 -13.01 17.86 9.29
CA LYS E 20 -13.98 18.68 8.65
C LYS E 20 -13.27 19.82 7.92
N ALA E 21 -13.90 20.31 6.84
CA ALA E 21 -13.40 21.47 6.09
C ALA E 21 -14.49 22.53 6.05
N VAL E 22 -14.19 23.71 6.64
CA VAL E 22 -15.03 24.90 6.61
C VAL E 22 -14.60 25.76 5.43
N ILE E 23 -15.50 25.98 4.46
CA ILE E 23 -15.24 26.84 3.31
C ILE E 23 -16.05 28.14 3.46
N LEU E 24 -15.37 29.27 3.70
CA LEU E 24 -16.05 30.56 3.81
C LEU E 24 -16.45 31.06 2.41
N ALA E 25 -17.78 31.18 2.18
CA ALA E 25 -18.38 31.66 0.93
C ALA E 25 -19.29 32.88 1.22
N ALA E 26 -19.00 33.62 2.29
CA ALA E 26 -19.67 34.84 2.73
C ALA E 26 -18.62 35.78 3.33
N GLY E 27 -18.81 37.09 3.12
CA GLY E 27 -17.92 38.15 3.61
C GLY E 27 -16.53 38.14 3.01
N LEU E 28 -16.37 37.43 1.85
CA LEU E 28 -15.15 37.23 1.07
C LEU E 28 -14.47 38.54 0.66
N GLY E 29 -15.27 39.46 0.14
CA GLY E 29 -14.82 40.78 -0.31
C GLY E 29 -15.78 41.39 -1.29
N THR E 30 -16.25 40.57 -2.26
CA THR E 30 -17.17 40.87 -3.37
C THR E 30 -16.51 41.47 -4.61
N ARG E 31 -17.10 41.13 -5.77
CA ARG E 31 -16.83 41.55 -7.13
C ARG E 31 -17.81 40.85 -8.07
N LEU E 32 -18.13 41.52 -9.21
CA LEU E 32 -19.09 41.10 -10.23
C LEU E 32 -20.50 41.55 -9.86
N GLY E 33 -20.83 41.49 -8.57
CA GLY E 33 -22.13 41.90 -8.02
C GLY E 33 -23.30 40.95 -8.27
N GLY E 34 -23.14 40.04 -9.24
CA GLY E 34 -24.17 39.09 -9.65
C GLY E 34 -23.78 37.64 -9.55
N VAL E 35 -22.51 37.30 -9.90
CA VAL E 35 -21.96 35.93 -9.86
C VAL E 35 -21.23 35.71 -8.52
N PRO E 36 -21.57 34.62 -7.77
CA PRO E 36 -20.83 34.35 -6.51
C PRO E 36 -19.41 33.89 -6.82
N LYS E 37 -18.44 34.40 -6.03
CA LYS E 37 -17.01 34.06 -6.19
C LYS E 37 -16.71 32.55 -6.26
N PRO E 38 -17.28 31.69 -5.40
CA PRO E 38 -17.00 30.25 -5.51
C PRO E 38 -17.57 29.58 -6.76
N LEU E 39 -18.49 30.27 -7.46
CA LEU E 39 -19.10 29.71 -8.68
C LEU E 39 -18.45 30.23 -9.95
N VAL E 40 -17.37 31.03 -9.80
CA VAL E 40 -16.59 31.55 -10.92
C VAL E 40 -15.74 30.40 -11.45
N ARG E 41 -15.83 30.12 -12.73
CA ARG E 41 -15.13 29.02 -13.39
C ARG E 41 -13.72 29.42 -13.81
N VAL E 42 -12.72 28.78 -13.18
CA VAL E 42 -11.30 28.97 -13.44
C VAL E 42 -10.81 27.66 -14.09
N GLY E 43 -10.38 27.73 -15.33
CA GLY E 43 -9.91 26.57 -16.09
C GLY E 43 -10.98 25.53 -16.41
N GLY E 44 -12.21 25.99 -16.58
CA GLY E 44 -13.36 25.15 -16.90
C GLY E 44 -13.98 24.43 -15.72
N CYS E 45 -13.75 24.94 -14.49
CA CYS E 45 -14.22 24.33 -13.23
C CYS E 45 -14.34 25.42 -12.18
N GLU E 46 -15.46 25.42 -11.45
CA GLU E 46 -15.71 26.42 -10.42
C GLU E 46 -14.80 26.33 -9.23
N ILE E 47 -14.42 27.48 -8.68
CA ILE E 47 -13.48 27.55 -7.58
C ILE E 47 -13.77 26.53 -6.47
N ILE E 48 -15.00 26.57 -5.89
CA ILE E 48 -15.42 25.68 -4.82
C ILE E 48 -15.32 24.21 -5.19
N LEU E 49 -15.72 23.87 -6.43
CA LEU E 49 -15.67 22.50 -6.93
C LEU E 49 -14.22 21.99 -6.94
N ARG E 50 -13.27 22.78 -7.49
CA ARG E 50 -11.83 22.48 -7.54
C ARG E 50 -11.31 22.14 -6.14
N THR E 51 -11.54 23.06 -5.17
CA THR E 51 -11.14 22.92 -3.77
C THR E 51 -11.77 21.67 -3.10
N MET E 52 -13.08 21.43 -3.34
CA MET E 52 -13.80 20.29 -2.75
C MET E 52 -13.28 18.96 -3.28
N LYS E 53 -13.08 18.87 -4.61
CA LYS E 53 -12.54 17.67 -5.24
C LYS E 53 -11.15 17.35 -4.65
N LEU E 54 -10.30 18.38 -4.50
CA LEU E 54 -8.96 18.21 -3.94
C LEU E 54 -8.92 17.82 -2.46
N LEU E 55 -9.77 18.43 -1.64
CA LEU E 55 -9.82 18.16 -0.22
C LEU E 55 -10.55 16.85 0.13
N SER E 56 -11.51 16.40 -0.73
CA SER E 56 -12.32 15.20 -0.53
C SER E 56 -11.61 13.95 0.08
N PRO E 57 -10.39 13.54 -0.33
CA PRO E 57 -9.80 12.37 0.32
C PRO E 57 -9.30 12.62 1.74
N HIS E 58 -9.31 13.87 2.21
CA HIS E 58 -8.87 14.24 3.56
C HIS E 58 -10.02 14.73 4.42
N VAL E 59 -11.21 14.90 3.80
CA VAL E 59 -12.37 15.49 4.45
C VAL E 59 -13.59 14.59 4.56
N SER E 60 -14.19 14.59 5.76
CA SER E 60 -15.40 13.87 6.11
C SER E 60 -16.62 14.66 5.59
N GLU E 61 -16.86 15.85 6.21
CA GLU E 61 -17.95 16.79 5.93
C GLU E 61 -17.46 18.25 5.64
N PHE E 62 -18.07 18.90 4.61
CA PHE E 62 -17.79 20.28 4.20
C PHE E 62 -18.80 21.23 4.82
N ILE E 63 -18.31 22.23 5.56
CA ILE E 63 -19.16 23.24 6.19
C ILE E 63 -19.03 24.56 5.42
N ILE E 64 -19.94 24.77 4.44
CA ILE E 64 -19.95 25.97 3.62
C ILE E 64 -20.68 27.14 4.32
N VAL E 65 -19.94 28.07 4.95
CA VAL E 65 -20.54 29.25 5.57
C VAL E 65 -20.83 30.25 4.44
N ALA E 66 -22.11 30.40 4.10
CA ALA E 66 -22.57 31.30 3.03
C ALA E 66 -23.61 32.31 3.53
N SER E 67 -23.98 33.29 2.69
CA SER E 67 -24.97 34.31 3.06
C SER E 67 -25.90 34.63 1.88
N ARG E 68 -25.70 35.78 1.19
CA ARG E 68 -26.53 36.17 0.04
C ARG E 68 -26.55 35.17 -1.13
N TYR E 69 -25.53 34.32 -1.23
CA TYR E 69 -25.50 33.35 -2.32
C TYR E 69 -25.70 31.88 -1.92
N ALA E 70 -26.03 31.65 -0.62
CA ALA E 70 -26.28 30.33 -0.04
C ALA E 70 -27.14 29.39 -0.88
N ASP E 71 -28.21 29.92 -1.48
CA ASP E 71 -29.15 29.14 -2.29
C ASP E 71 -28.54 28.68 -3.61
N ASP E 72 -27.73 29.56 -4.23
CA ASP E 72 -27.06 29.32 -5.50
C ASP E 72 -26.01 28.22 -5.37
N ILE E 73 -25.23 28.27 -4.28
CA ILE E 73 -24.16 27.31 -3.93
C ILE E 73 -24.76 25.93 -3.72
N ASP E 74 -25.81 25.86 -2.85
CA ASP E 74 -26.57 24.66 -2.50
C ASP E 74 -27.12 23.96 -3.75
N ALA E 75 -27.75 24.73 -4.65
CA ALA E 75 -28.32 24.23 -5.89
C ALA E 75 -27.23 23.67 -6.79
N PHE E 76 -26.05 24.33 -6.79
CA PHE E 76 -24.89 23.91 -7.59
C PHE E 76 -24.34 22.57 -7.06
N LEU E 77 -24.12 22.54 -5.73
CA LEU E 77 -23.55 21.41 -5.00
C LEU E 77 -24.43 20.16 -4.80
N LYS E 78 -25.77 20.26 -4.99
CA LYS E 78 -26.69 19.13 -4.82
C LYS E 78 -26.37 17.92 -5.69
N ASP E 79 -26.17 18.15 -6.98
CA ASP E 79 -25.85 17.09 -7.95
C ASP E 79 -24.38 16.60 -7.88
N LYS E 80 -23.54 17.27 -7.06
CA LYS E 80 -22.13 16.89 -6.89
C LYS E 80 -22.06 15.90 -5.72
N GLY E 81 -21.19 14.90 -5.85
CA GLY E 81 -21.11 13.81 -4.88
C GLY E 81 -20.44 14.06 -3.54
N PHE E 82 -20.47 15.28 -3.01
CA PHE E 82 -19.82 15.58 -1.73
C PHE E 82 -20.78 15.63 -0.56
N ASN E 83 -20.26 15.34 0.65
CA ASN E 83 -21.04 15.41 1.88
C ASN E 83 -20.89 16.83 2.42
N TYR E 84 -21.89 17.68 2.15
CA TYR E 84 -21.85 19.08 2.59
C TYR E 84 -23.05 19.54 3.42
N LYS E 85 -22.86 20.66 4.11
CA LYS E 85 -23.84 21.35 4.93
C LYS E 85 -23.67 22.88 4.70
N ILE E 86 -24.78 23.58 4.34
CA ILE E 86 -24.76 25.03 4.13
C ILE E 86 -25.16 25.68 5.46
N VAL E 87 -24.29 26.52 6.02
CA VAL E 87 -24.53 27.22 7.26
C VAL E 87 -24.73 28.69 6.87
N ARG E 88 -25.95 29.22 7.08
CA ARG E 88 -26.33 30.57 6.66
C ARG E 88 -26.28 31.65 7.73
N HIS E 89 -25.90 32.86 7.33
CA HIS E 89 -25.92 34.05 8.15
C HIS E 89 -26.42 35.27 7.36
N ASP E 90 -26.76 36.35 8.07
CA ASP E 90 -27.37 37.56 7.51
C ASP E 90 -26.46 38.78 7.54
N ARG E 91 -25.25 38.66 8.12
CA ARG E 91 -24.33 39.78 8.26
C ARG E 91 -23.03 39.70 7.39
N PRO E 92 -23.10 39.83 6.03
CA PRO E 92 -21.86 39.78 5.22
C PRO E 92 -20.93 40.96 5.42
N GLU E 93 -21.47 42.08 5.93
CA GLU E 93 -20.73 43.30 6.24
C GLU E 93 -19.79 43.15 7.44
N LYS E 94 -20.03 42.10 8.25
CA LYS E 94 -19.23 41.80 9.43
C LYS E 94 -17.87 41.14 9.10
N GLY E 95 -17.69 40.70 7.85
CA GLY E 95 -16.44 40.10 7.37
C GLY E 95 -16.30 38.61 7.56
N ASN E 96 -15.21 38.03 6.99
CA ASN E 96 -14.91 36.59 7.04
C ASN E 96 -14.61 36.07 8.45
N GLY E 97 -14.22 36.95 9.37
CA GLY E 97 -13.96 36.59 10.76
C GLY E 97 -15.24 36.18 11.47
N TYR E 98 -16.36 36.83 11.09
CA TYR E 98 -17.69 36.55 11.61
C TYR E 98 -18.15 35.24 10.99
N SER E 99 -17.87 35.05 9.69
CA SER E 99 -18.21 33.81 8.97
C SER E 99 -17.56 32.59 9.65
N LEU E 100 -16.36 32.78 10.25
CA LEU E 100 -15.66 31.73 10.99
C LEU E 100 -16.43 31.46 12.27
N LEU E 101 -16.75 32.53 13.02
CA LEU E 101 -17.49 32.48 14.29
C LEU E 101 -18.83 31.78 14.15
N VAL E 102 -19.52 31.99 13.02
CA VAL E 102 -20.80 31.36 12.65
C VAL E 102 -20.69 29.80 12.62
N ALA E 103 -19.52 29.28 12.27
CA ALA E 103 -19.28 27.83 12.15
C ALA E 103 -18.95 27.10 13.46
N LYS E 104 -18.78 27.85 14.58
CA LYS E 104 -18.46 27.32 15.91
C LYS E 104 -19.13 26.00 16.30
N ASN E 105 -20.44 25.89 16.09
CA ASN E 105 -21.22 24.72 16.49
C ASN E 105 -21.37 23.62 15.43
N HIS E 106 -20.55 23.69 14.37
CA HIS E 106 -20.57 22.68 13.30
C HIS E 106 -19.22 21.98 13.22
N VAL E 107 -18.29 22.38 14.11
CA VAL E 107 -16.93 21.85 14.21
C VAL E 107 -16.48 21.59 15.64
N GLU E 108 -15.69 20.54 15.81
CA GLU E 108 -15.07 20.15 17.06
C GLU E 108 -13.68 19.62 16.79
N ASP E 109 -12.76 19.99 17.68
CA ASP E 109 -11.33 19.65 17.61
C ASP E 109 -10.70 20.20 16.32
N ARG E 110 -9.85 19.44 15.64
CA ARG E 110 -9.20 19.93 14.43
C ARG E 110 -10.08 19.99 13.20
N PHE E 111 -9.87 21.05 12.39
CA PHE E 111 -10.61 21.30 11.15
C PHE E 111 -9.84 22.20 10.21
N ILE E 112 -10.08 22.01 8.95
CA ILE E 112 -9.49 22.86 7.94
C ILE E 112 -10.43 24.04 7.69
N LEU E 113 -9.82 25.20 7.44
CA LEU E 113 -10.50 26.44 7.08
C LEU E 113 -9.85 27.04 5.84
N THR E 114 -10.66 27.17 4.78
CA THR E 114 -10.28 27.79 3.51
C THR E 114 -11.33 28.79 2.99
N MET E 115 -10.92 29.64 2.03
CA MET E 115 -11.76 30.65 1.39
C MET E 115 -12.30 30.11 0.05
N GLY E 116 -13.57 30.38 -0.26
CA GLY E 116 -14.19 29.96 -1.51
C GLY E 116 -13.81 30.86 -2.68
N ASP E 117 -12.99 31.87 -2.37
CA ASP E 117 -12.33 32.91 -3.17
C ASP E 117 -11.08 32.34 -3.91
N HIS E 118 -10.41 31.32 -3.31
CA HIS E 118 -9.09 30.76 -3.68
C HIS E 118 -8.98 29.50 -4.50
N VAL E 119 -8.00 29.49 -5.37
CA VAL E 119 -7.74 28.36 -6.24
C VAL E 119 -6.41 27.71 -5.76
N TYR E 120 -6.40 26.38 -5.60
CA TYR E 120 -5.21 25.66 -5.16
C TYR E 120 -4.85 24.52 -6.10
N SER E 121 -3.56 24.13 -6.05
CA SER E 121 -3.03 22.98 -6.79
C SER E 121 -3.07 21.78 -5.86
N GLN E 122 -3.01 20.55 -6.42
CA GLN E 122 -2.99 19.31 -5.64
C GLN E 122 -1.77 19.29 -4.70
N GLN E 123 -0.58 19.68 -5.23
CA GLN E 123 0.72 19.78 -4.56
C GLN E 123 0.66 20.72 -3.35
N PHE E 124 -0.09 21.82 -3.47
CA PHE E 124 -0.31 22.77 -2.39
C PHE E 124 -1.18 22.09 -1.33
N ILE E 125 -2.36 21.56 -1.74
CA ILE E 125 -3.32 20.92 -0.84
C ILE E 125 -2.66 19.82 -0.01
N GLU E 126 -1.96 18.91 -0.72
CA GLU E 126 -1.26 17.77 -0.13
C GLU E 126 -0.33 18.15 1.02
N LYS E 127 0.41 19.27 0.87
CA LYS E 127 1.33 19.77 1.90
C LYS E 127 0.57 20.50 3.00
N ALA E 128 -0.44 21.31 2.58
CA ALA E 128 -1.25 22.20 3.43
C ALA E 128 -2.06 21.45 4.47
N VAL E 129 -2.67 20.32 4.08
CA VAL E 129 -3.49 19.48 4.97
C VAL E 129 -2.69 18.87 6.14
N ARG E 130 -1.38 18.64 5.94
CA ARG E 130 -0.47 18.09 6.95
C ARG E 130 0.04 19.19 7.90
N GLY E 131 -0.38 20.42 7.66
CA GLY E 131 0.08 21.54 8.48
C GLY E 131 -0.75 21.88 9.68
N GLU E 132 -0.35 22.95 10.39
CA GLU E 132 -0.95 23.46 11.62
C GLU E 132 -0.92 24.99 11.62
N GLY E 133 -2.04 25.60 12.00
CA GLY E 133 -2.19 27.05 12.09
C GLY E 133 -2.40 27.69 10.73
N VAL E 134 -1.65 28.76 10.44
CA VAL E 134 -1.72 29.46 9.15
C VAL E 134 -0.79 28.75 8.17
N ILE E 135 -1.30 28.40 7.00
CA ILE E 135 -0.46 27.88 5.93
C ILE E 135 0.01 29.14 5.20
N ALA E 136 1.31 29.45 5.33
CA ALA E 136 1.90 30.64 4.73
C ALA E 136 2.96 30.28 3.68
N ASP E 137 3.11 31.19 2.71
CA ASP E 137 4.01 31.06 1.60
C ASP E 137 5.10 32.11 1.70
N ARG E 138 6.34 31.67 1.85
CA ARG E 138 7.44 32.64 1.87
C ARG E 138 8.14 32.84 0.51
N GLU E 139 7.58 32.24 -0.55
CA GLU E 139 8.05 32.29 -1.94
C GLU E 139 6.82 32.46 -2.88
N PRO E 140 5.97 33.51 -2.73
CA PRO E 140 4.80 33.62 -3.61
C PRO E 140 5.21 33.64 -5.09
N ARG E 141 4.93 32.55 -5.79
CA ARG E 141 5.29 32.44 -7.19
C ARG E 141 4.26 32.97 -8.17
N PHE E 142 2.98 32.92 -7.81
CA PHE E 142 1.98 33.41 -8.72
C PHE E 142 1.41 34.74 -8.30
N VAL E 143 1.11 34.90 -7.02
CA VAL E 143 0.49 36.12 -6.50
C VAL E 143 1.43 37.32 -6.41
N ASP E 144 0.90 38.53 -6.60
CA ASP E 144 1.65 39.78 -6.48
C ASP E 144 1.94 40.04 -5.00
N ILE E 145 3.21 40.06 -4.65
CA ILE E 145 3.71 40.28 -3.30
C ILE E 145 3.29 41.63 -2.66
N GLY E 146 3.16 42.67 -3.48
CA GLY E 146 2.78 44.01 -3.04
C GLY E 146 1.35 44.11 -2.54
N GLU E 147 0.43 43.40 -3.23
CA GLU E 147 -1.01 43.37 -2.96
C GLU E 147 -1.43 42.25 -2.00
N ALA E 148 -0.51 41.34 -1.66
CA ALA E 148 -0.82 40.21 -0.78
C ALA E 148 -0.88 40.54 0.72
N THR E 149 -1.63 39.74 1.50
CA THR E 149 -1.69 39.89 2.97
C THR E 149 -0.41 39.26 3.47
N LYS E 150 0.44 40.07 4.08
CA LYS E 150 1.77 39.67 4.54
C LYS E 150 1.72 39.29 6.00
N ILE E 151 2.66 38.43 6.45
CA ILE E 151 2.76 37.97 7.84
C ILE E 151 4.22 38.11 8.31
N ARG E 152 4.41 38.74 9.51
CA ARG E 152 5.69 38.84 10.22
C ARG E 152 5.64 37.72 11.27
N VAL E 153 6.59 36.79 11.19
CA VAL E 153 6.67 35.61 12.07
C VAL E 153 7.72 35.77 13.17
N GLU E 154 7.29 35.60 14.43
CA GLU E 154 8.16 35.62 15.59
C GLU E 154 7.96 34.36 16.40
N ASP E 155 9.08 33.62 16.61
CA ASP E 155 9.15 32.35 17.34
C ASP E 155 8.14 31.29 16.84
N GLY E 156 7.98 31.24 15.50
CA GLY E 156 7.08 30.33 14.79
C GLY E 156 5.61 30.65 14.90
N ARG E 157 5.27 31.85 15.40
CA ARG E 157 3.89 32.32 15.57
C ARG E 157 3.66 33.67 14.89
N VAL E 158 2.39 33.98 14.52
CA VAL E 158 2.03 35.24 13.88
C VAL E 158 2.24 36.42 14.84
N ALA E 159 3.17 37.32 14.50
CA ALA E 159 3.46 38.52 15.28
C ALA E 159 2.68 39.69 14.68
N LYS E 160 2.71 39.82 13.33
CA LYS E 160 1.99 40.86 12.60
C LYS E 160 1.42 40.28 11.31
N ILE E 161 0.36 40.90 10.80
CA ILE E 161 -0.35 40.49 9.60
C ILE E 161 -1.03 41.72 8.98
N GLY E 162 -1.15 41.73 7.66
CA GLY E 162 -1.77 42.82 6.91
C GLY E 162 -1.15 43.08 5.56
N LYS E 163 -1.96 43.60 4.62
CA LYS E 163 -1.59 43.94 3.23
C LYS E 163 -0.54 45.05 3.08
N ASP E 164 -0.30 45.85 4.15
CA ASP E 164 0.61 46.98 4.11
C ASP E 164 1.81 46.88 5.08
N LEU E 165 2.29 45.65 5.35
CA LEU E 165 3.42 45.44 6.23
C LEU E 165 4.75 45.90 5.59
N ARG E 166 5.66 46.40 6.41
CA ARG E 166 6.99 46.90 6.04
C ARG E 166 7.99 45.75 6.11
N GLU E 167 7.99 45.04 7.27
CA GLU E 167 8.80 43.86 7.51
C GLU E 167 7.88 42.68 7.57
N PHE E 168 8.20 41.65 6.78
CA PHE E 168 7.44 40.42 6.70
C PHE E 168 8.29 39.24 6.27
N ASP E 169 7.89 38.05 6.71
CA ASP E 169 8.59 36.81 6.46
C ASP E 169 7.83 35.95 5.46
N CYS E 170 6.48 36.02 5.46
CA CYS E 170 5.67 35.19 4.56
C CYS E 170 4.37 35.88 4.10
N VAL E 171 3.63 35.23 3.21
CA VAL E 171 2.33 35.68 2.70
C VAL E 171 1.23 34.68 3.07
N ASP E 172 0.08 35.22 3.54
CA ASP E 172 -1.13 34.47 3.86
C ASP E 172 -1.73 33.77 2.61
N THR E 173 -1.94 32.45 2.71
CA THR E 173 -2.63 31.72 1.63
C THR E 173 -4.10 31.76 2.04
N GLY E 174 -4.98 31.06 1.38
CA GLY E 174 -6.33 31.16 1.97
C GLY E 174 -6.65 29.96 2.83
N PHE E 175 -5.58 29.32 3.42
CA PHE E 175 -5.62 28.03 4.11
C PHE E 175 -5.07 27.95 5.51
N PHE E 176 -5.89 27.31 6.38
CA PHE E 176 -5.60 27.15 7.81
C PHE E 176 -6.01 25.78 8.31
N VAL E 177 -5.30 25.33 9.38
CA VAL E 177 -5.62 24.08 10.07
C VAL E 177 -5.81 24.50 11.53
N LEU E 178 -7.08 24.67 11.91
CA LEU E 178 -7.42 25.19 13.24
C LEU E 178 -8.01 24.15 14.21
N ASP E 179 -8.06 24.54 15.49
CA ASP E 179 -8.69 23.80 16.59
C ASP E 179 -9.70 24.73 17.31
N ASP E 180 -10.68 24.13 18.06
CA ASP E 180 -11.73 24.81 18.81
C ASP E 180 -11.29 26.07 19.54
N SER E 181 -9.98 26.20 19.84
CA SER E 181 -9.45 27.36 20.55
C SER E 181 -9.52 28.65 19.73
N ILE E 182 -9.69 28.52 18.40
CA ILE E 182 -9.80 29.68 17.49
C ILE E 182 -10.97 30.60 17.87
N PHE E 183 -12.13 30.01 18.20
CA PHE E 183 -13.37 30.68 18.62
C PHE E 183 -13.23 31.50 19.88
N GLU E 184 -12.35 31.08 20.79
CA GLU E 184 -12.07 31.79 22.05
C GLU E 184 -11.53 33.18 21.75
N HIS E 185 -10.64 33.29 20.74
CA HIS E 185 -10.04 34.54 20.28
C HIS E 185 -11.02 35.32 19.42
N ALA E 186 -11.78 34.60 18.57
CA ALA E 186 -12.79 35.17 17.69
C ALA E 186 -13.92 35.83 18.49
N GLU E 187 -14.18 35.33 19.71
CA GLU E 187 -15.23 35.83 20.60
C GLU E 187 -14.92 37.24 21.07
N LYS E 188 -13.67 37.48 21.50
CA LYS E 188 -13.15 38.76 22.00
C LYS E 188 -13.36 39.93 21.03
N LEU E 189 -13.66 39.60 19.77
CA LEU E 189 -13.85 40.60 18.74
C LEU E 189 -15.32 40.90 18.41
N ARG E 190 -16.30 39.97 18.75
CA ARG E 190 -17.77 39.99 18.49
C ARG E 190 -18.45 41.39 18.47
N ASP E 191 -18.00 42.29 19.35
CA ASP E 191 -18.51 43.64 19.53
C ASP E 191 -17.95 44.71 18.57
N ARG E 192 -17.60 44.32 17.34
CA ARG E 192 -17.11 45.26 16.33
C ARG E 192 -17.99 45.14 15.10
N GLU E 193 -18.12 46.25 14.36
CA GLU E 193 -18.94 46.32 13.15
C GLU E 193 -18.40 45.41 12.04
N GLU E 194 -17.06 45.23 12.00
CA GLU E 194 -16.34 44.38 11.04
C GLU E 194 -15.33 43.51 11.78
N ILE E 195 -15.32 42.21 11.44
CA ILE E 195 -14.40 41.22 12.00
C ILE E 195 -13.54 40.61 10.88
N PRO E 196 -12.29 41.07 10.72
CA PRO E 196 -11.42 40.46 9.70
C PRO E 196 -10.75 39.20 10.26
N LEU E 197 -10.65 38.14 9.44
CA LEU E 197 -10.02 36.87 9.83
C LEU E 197 -8.62 37.13 10.36
N SER E 198 -7.87 38.00 9.69
CA SER E 198 -6.51 38.43 10.00
C SER E 198 -6.37 38.91 11.44
N GLU E 199 -7.36 39.67 11.93
CA GLU E 199 -7.35 40.17 13.31
C GLU E 199 -7.47 39.05 14.35
N ILE E 200 -8.30 38.01 14.04
CA ILE E 200 -8.46 36.82 14.88
C ILE E 200 -7.11 36.09 14.94
N VAL E 201 -6.52 35.83 13.73
CA VAL E 201 -5.21 35.19 13.53
C VAL E 201 -4.14 35.88 14.39
N LYS E 202 -4.11 37.24 14.33
CA LYS E 202 -3.21 38.11 15.11
C LYS E 202 -3.44 37.87 16.60
N LEU E 203 -4.73 37.93 17.05
CA LEU E 203 -5.14 37.71 18.44
C LEU E 203 -4.76 36.33 18.92
N ALA E 204 -5.02 35.32 18.10
CA ALA E 204 -4.72 33.91 18.37
C ALA E 204 -3.21 33.60 18.42
N ARG E 205 -2.36 34.48 17.82
CA ARG E 205 -0.90 34.33 17.71
C ARG E 205 -0.62 32.93 17.11
N LEU E 206 -1.37 32.63 16.05
CA LEU E 206 -1.38 31.34 15.36
C LEU E 206 -0.02 30.83 14.94
N PRO E 207 0.26 29.52 15.16
CA PRO E 207 1.53 28.96 14.63
C PRO E 207 1.51 29.04 13.10
N VAL E 208 2.68 29.12 12.49
CA VAL E 208 2.78 29.23 11.06
C VAL E 208 3.43 27.99 10.47
N THR E 209 2.84 27.46 9.41
CA THR E 209 3.35 26.32 8.64
C THR E 209 3.66 26.87 7.24
N TYR E 210 4.84 26.60 6.72
CA TYR E 210 5.24 27.06 5.41
C TYR E 210 5.01 26.01 4.34
N VAL E 211 4.39 26.45 3.23
CA VAL E 211 4.13 25.69 2.01
C VAL E 211 4.58 26.71 0.98
N ASP E 212 5.87 26.60 0.61
CA ASP E 212 6.53 27.56 -0.27
C ASP E 212 6.56 27.25 -1.73
N GLY E 213 6.24 28.29 -2.50
CA GLY E 213 6.30 28.29 -3.95
C GLY E 213 5.38 27.32 -4.67
N GLU E 214 4.29 26.89 -4.01
CA GLU E 214 3.30 26.03 -4.67
C GLU E 214 2.24 26.90 -5.35
N LEU E 215 1.52 26.33 -6.34
CA LEU E 215 0.50 27.11 -7.02
C LEU E 215 -0.75 27.31 -6.17
N TRP E 216 -1.11 28.57 -5.95
CA TRP E 216 -2.28 29.06 -5.26
C TRP E 216 -2.53 30.53 -5.67
N MET E 217 -3.82 30.95 -5.70
CA MET E 217 -4.22 32.31 -6.07
C MET E 217 -5.64 32.67 -5.64
N ASP E 218 -5.83 33.89 -5.18
CA ASP E 218 -7.14 34.42 -4.82
C ASP E 218 -7.76 35.03 -6.10
N VAL E 219 -9.08 35.13 -6.16
CA VAL E 219 -9.77 35.75 -7.30
C VAL E 219 -10.57 36.96 -6.78
N ASP E 220 -10.44 38.11 -7.45
CA ASP E 220 -11.08 39.38 -7.07
C ASP E 220 -11.56 40.16 -8.31
N ILE F 16 13.93 37.04 -30.52
CA ILE F 16 12.67 37.08 -31.30
C ILE F 16 12.63 38.11 -32.47
N LYS F 17 11.59 37.97 -33.33
CA LYS F 17 11.30 38.81 -34.50
C LYS F 17 10.44 40.00 -34.03
N LEU F 18 10.41 41.13 -34.81
CA LEU F 18 9.59 42.29 -34.43
C LEU F 18 8.11 41.92 -34.50
N MET F 19 7.36 42.30 -33.44
CA MET F 19 5.93 42.07 -33.37
C MET F 19 5.17 42.96 -32.45
N LYS F 20 3.87 42.98 -32.60
CA LYS F 20 2.94 43.72 -31.75
C LYS F 20 2.15 42.66 -31.05
N ALA F 21 1.30 43.04 -30.05
CA ALA F 21 0.46 42.09 -29.38
C ALA F 21 -0.96 42.55 -29.37
N VAL F 22 -1.81 41.73 -29.98
CA VAL F 22 -3.25 41.98 -30.05
C VAL F 22 -3.90 41.24 -28.91
N ILE F 23 -4.55 41.97 -28.02
CA ILE F 23 -5.28 41.39 -26.89
C ILE F 23 -6.79 41.57 -27.11
N LEU F 24 -7.52 40.46 -27.30
CA LEU F 24 -8.97 40.46 -27.52
C LEU F 24 -9.77 40.68 -26.24
N ALA F 25 -10.23 41.90 -26.04
CA ALA F 25 -11.00 42.20 -24.85
C ALA F 25 -12.51 42.52 -25.22
N ALA F 26 -13.00 42.01 -26.40
CA ALA F 26 -14.38 42.27 -26.84
C ALA F 26 -15.39 41.11 -26.91
N GLY F 34 -21.64 45.09 -14.92
CA GLY F 34 -20.64 44.09 -14.53
C GLY F 34 -19.18 44.50 -14.64
N VAL F 35 -18.28 43.57 -14.28
CA VAL F 35 -16.81 43.75 -14.29
C VAL F 35 -16.21 43.17 -15.59
N PRO F 36 -15.37 43.94 -16.34
CA PRO F 36 -14.78 43.37 -17.56
C PRO F 36 -13.78 42.26 -17.21
N LYS F 37 -13.79 41.17 -17.99
CA LYS F 37 -12.93 40.02 -17.79
C LYS F 37 -11.42 40.38 -17.67
N PRO F 38 -10.85 41.25 -18.52
CA PRO F 38 -9.42 41.59 -18.34
C PRO F 38 -9.10 42.40 -17.08
N LEU F 39 -10.13 42.95 -16.42
CA LEU F 39 -9.92 43.74 -15.20
C LEU F 39 -10.16 42.95 -13.93
N VAL F 40 -10.45 41.63 -14.09
CA VAL F 40 -10.67 40.72 -12.98
C VAL F 40 -9.28 40.40 -12.41
N ARG F 41 -9.10 40.63 -11.10
CA ARG F 41 -7.83 40.42 -10.41
C ARG F 41 -7.66 38.97 -9.98
N VAL F 42 -6.68 38.29 -10.58
CA VAL F 42 -6.30 36.91 -10.28
C VAL F 42 -4.91 36.98 -9.62
N GLY F 43 -4.83 36.55 -8.36
CA GLY F 43 -3.59 36.58 -7.61
C GLY F 43 -3.08 37.98 -7.27
N GLY F 44 -4.02 38.92 -7.13
CA GLY F 44 -3.73 40.32 -6.80
C GLY F 44 -3.26 41.18 -7.96
N CYS F 45 -3.57 40.76 -9.18
CA CYS F 45 -3.17 41.44 -10.41
C CYS F 45 -4.18 41.12 -11.51
N GLU F 46 -4.59 42.16 -12.25
CA GLU F 46 -5.61 42.00 -13.28
C GLU F 46 -5.11 41.21 -14.48
N ILE F 47 -6.00 40.39 -15.05
CA ILE F 47 -5.63 39.50 -16.14
C ILE F 47 -4.77 40.19 -17.24
N ILE F 48 -5.29 41.30 -17.80
CA ILE F 48 -4.61 42.06 -18.85
C ILE F 48 -3.25 42.59 -18.40
N LEU F 49 -3.15 43.10 -17.14
CA LEU F 49 -1.90 43.62 -16.59
C LEU F 49 -0.83 42.52 -16.54
N ARG F 50 -1.19 41.31 -16.02
CA ARG F 50 -0.31 40.13 -15.93
C ARG F 50 0.27 39.85 -17.32
N THR F 51 -0.60 39.69 -18.33
CA THR F 51 -0.22 39.40 -19.72
C THR F 51 0.67 40.50 -20.31
N MET F 52 0.33 41.79 -20.06
CA MET F 52 1.09 42.93 -20.59
C MET F 52 2.47 43.04 -19.99
N LYS F 53 2.58 42.86 -18.66
CA LYS F 53 3.86 42.87 -17.95
C LYS F 53 4.77 41.78 -18.56
N LEU F 54 4.23 40.60 -18.76
CA LEU F 54 4.96 39.46 -19.27
C LEU F 54 5.42 39.58 -20.70
N LEU F 55 4.55 40.10 -21.59
CA LEU F 55 4.84 40.31 -23.00
C LEU F 55 5.70 41.53 -23.32
N SER F 56 5.64 42.59 -22.48
CA SER F 56 6.35 43.88 -22.71
C SER F 56 7.80 43.79 -23.21
N PRO F 57 8.66 42.86 -22.74
CA PRO F 57 10.02 42.84 -23.30
C PRO F 57 10.12 42.19 -24.71
N HIS F 58 9.00 41.67 -25.23
CA HIS F 58 8.92 41.00 -26.54
C HIS F 58 8.06 41.72 -27.60
N VAL F 59 7.21 42.72 -27.26
CA VAL F 59 6.34 43.31 -28.29
C VAL F 59 6.58 44.81 -28.36
N SER F 60 6.27 45.50 -29.46
CA SER F 60 6.51 46.96 -29.53
C SER F 60 5.35 47.81 -29.01
N GLU F 61 4.19 47.22 -28.99
CA GLU F 61 2.99 47.90 -28.65
C GLU F 61 1.98 46.86 -28.47
N PHE F 62 0.92 47.23 -27.74
CA PHE F 62 -0.20 46.35 -27.54
C PHE F 62 -1.41 46.96 -28.17
N ILE F 63 -2.12 46.19 -29.02
CA ILE F 63 -3.38 46.63 -29.65
C ILE F 63 -4.54 45.90 -28.97
N ILE F 64 -5.23 46.56 -28.05
CA ILE F 64 -6.35 46.00 -27.29
C ILE F 64 -7.66 46.21 -28.05
N VAL F 65 -8.18 45.14 -28.70
CA VAL F 65 -9.43 45.21 -29.46
C VAL F 65 -10.56 45.05 -28.42
N ALA F 66 -11.22 46.15 -28.05
CA ALA F 66 -12.28 46.18 -27.04
C ALA F 66 -13.61 46.72 -27.64
N SER F 67 -14.69 46.70 -26.86
CA SER F 67 -16.01 47.14 -27.31
C SER F 67 -16.74 47.79 -26.14
N ARG F 68 -17.72 47.12 -25.51
CA ARG F 68 -18.50 47.66 -24.38
C ARG F 68 -17.67 48.16 -23.17
N TYR F 69 -16.47 47.59 -22.98
CA TYR F 69 -15.64 47.99 -21.83
C TYR F 69 -14.37 48.78 -22.17
N ALA F 70 -14.23 49.19 -23.44
CA ALA F 70 -13.12 49.96 -23.97
C ALA F 70 -12.67 51.15 -23.10
N ASP F 71 -13.62 51.89 -22.52
CA ASP F 71 -13.33 53.06 -21.69
C ASP F 71 -12.71 52.70 -20.36
N ASP F 72 -13.20 51.60 -19.76
CA ASP F 72 -12.75 51.09 -18.47
C ASP F 72 -11.31 50.60 -18.55
N ILE F 73 -10.97 49.87 -19.64
CA ILE F 73 -9.66 49.33 -19.94
C ILE F 73 -8.64 50.46 -20.10
N ASP F 74 -8.96 51.45 -20.98
CA ASP F 74 -8.18 52.64 -21.29
C ASP F 74 -7.85 53.43 -20.01
N ALA F 75 -8.86 53.67 -19.16
CA ALA F 75 -8.71 54.41 -17.91
C ALA F 75 -7.78 53.64 -16.95
N PHE F 76 -7.88 52.29 -16.96
CA PHE F 76 -7.05 51.42 -16.12
C PHE F 76 -5.58 51.46 -16.57
N LEU F 77 -5.37 51.28 -17.89
CA LEU F 77 -4.08 51.24 -18.55
C LEU F 77 -3.32 52.56 -18.69
N LYS F 78 -3.98 53.73 -18.53
CA LYS F 78 -3.33 55.04 -18.67
C LYS F 78 -2.15 55.28 -17.73
N ASP F 79 -2.34 54.97 -16.46
CA ASP F 79 -1.31 55.13 -15.41
C ASP F 79 -0.25 54.02 -15.42
N LYS F 80 -0.44 52.99 -16.25
CA LYS F 80 0.51 51.87 -16.37
C LYS F 80 1.50 52.23 -17.47
N GLY F 81 2.74 51.84 -17.31
CA GLY F 81 3.81 52.24 -18.21
C GLY F 81 3.94 51.53 -19.54
N PHE F 82 2.83 51.01 -20.09
CA PHE F 82 2.85 50.30 -21.39
C PHE F 82 2.49 51.10 -22.59
N ASN F 83 3.04 50.66 -23.79
CA ASN F 83 2.76 51.29 -25.06
C ASN F 83 1.52 50.57 -25.64
N TYR F 84 0.34 51.16 -25.46
CA TYR F 84 -0.91 50.59 -25.95
C TYR F 84 -1.74 51.48 -26.85
N LYS F 85 -2.69 50.86 -27.55
CA LYS F 85 -3.68 51.49 -28.42
C LYS F 85 -5.01 50.72 -28.25
N ILE F 86 -6.11 51.42 -27.97
CA ILE F 86 -7.45 50.82 -27.85
C ILE F 86 -8.12 50.90 -29.22
N VAL F 87 -8.48 49.77 -29.80
CA VAL F 87 -9.14 49.69 -31.09
C VAL F 87 -10.59 49.24 -30.79
N ARG F 88 -11.55 50.13 -31.05
CA ARG F 88 -12.96 49.90 -30.74
C ARG F 88 -13.82 49.42 -31.88
N HIS F 89 -14.78 48.55 -31.53
CA HIS F 89 -15.81 48.07 -32.42
C HIS F 89 -17.18 48.01 -31.70
N ASP F 90 -18.25 47.89 -32.47
CA ASP F 90 -19.63 47.92 -31.99
C ASP F 90 -20.36 46.59 -32.10
N ARG F 91 -19.70 45.57 -32.69
CA ARG F 91 -20.31 44.26 -32.90
C ARG F 91 -19.73 43.09 -32.02
N PRO F 92 -19.96 43.06 -30.66
CA PRO F 92 -19.43 41.96 -29.84
C PRO F 92 -20.09 40.61 -30.13
N GLU F 93 -21.31 40.65 -30.71
CA GLU F 93 -22.08 39.46 -31.09
C GLU F 93 -21.44 38.71 -32.28
N LYS F 94 -20.50 39.36 -32.99
CA LYS F 94 -19.81 38.80 -34.16
C LYS F 94 -18.60 37.93 -33.79
N GLY F 95 -18.37 37.81 -32.50
CA GLY F 95 -17.32 36.96 -31.97
C GLY F 95 -15.90 37.49 -32.08
N ASN F 96 -14.96 36.76 -31.46
CA ASN F 96 -13.54 37.09 -31.41
C ASN F 96 -12.84 37.03 -32.76
N GLY F 97 -13.41 36.31 -33.73
CA GLY F 97 -12.87 36.23 -35.08
C GLY F 97 -13.00 37.58 -35.80
N TYR F 98 -14.08 38.32 -35.49
CA TYR F 98 -14.34 39.66 -36.03
C TYR F 98 -13.39 40.60 -35.32
N SER F 99 -13.20 40.42 -34.00
CA SER F 99 -12.28 41.23 -33.20
C SER F 99 -10.86 41.15 -33.78
N LEU F 100 -10.45 39.99 -34.33
CA LEU F 100 -9.16 39.79 -34.98
C LEU F 100 -9.15 40.62 -36.28
N LEU F 101 -10.21 40.48 -37.10
CA LEU F 101 -10.35 41.20 -38.38
C LEU F 101 -10.29 42.71 -38.21
N VAL F 102 -10.90 43.25 -37.13
CA VAL F 102 -10.88 44.66 -36.71
C VAL F 102 -9.41 45.19 -36.53
N ALA F 103 -8.49 44.33 -36.12
CA ALA F 103 -7.09 44.70 -35.88
C ALA F 103 -6.19 44.72 -37.10
N LYS F 104 -6.67 44.22 -38.28
CA LYS F 104 -5.89 44.13 -39.53
C LYS F 104 -5.00 45.34 -39.83
N ASN F 105 -5.57 46.54 -39.62
CA ASN F 105 -4.92 47.84 -39.87
C ASN F 105 -3.84 48.30 -38.86
N HIS F 106 -3.78 47.63 -37.70
CA HIS F 106 -2.92 47.97 -36.58
C HIS F 106 -1.75 47.06 -36.41
N VAL F 107 -1.59 46.10 -37.31
CA VAL F 107 -0.51 45.11 -37.26
C VAL F 107 0.06 44.85 -38.63
N GLU F 108 1.34 44.52 -38.67
CA GLU F 108 2.07 44.22 -39.90
C GLU F 108 3.02 43.04 -39.67
N ASP F 109 3.12 42.11 -40.65
CA ASP F 109 3.96 40.91 -40.59
C ASP F 109 3.61 40.03 -39.38
N ARG F 110 4.57 39.54 -38.59
CA ARG F 110 4.26 38.72 -37.42
C ARG F 110 3.66 39.48 -36.22
N PHE F 111 2.67 38.91 -35.58
CA PHE F 111 2.04 39.53 -34.43
C PHE F 111 1.49 38.48 -33.46
N ILE F 112 1.48 38.80 -32.16
CA ILE F 112 0.96 37.93 -31.13
C ILE F 112 -0.51 38.22 -30.93
N LEU F 113 -1.34 37.17 -30.84
CA LEU F 113 -2.78 37.28 -30.56
C LEU F 113 -3.15 36.44 -29.32
N THR F 114 -3.71 37.12 -28.29
CA THR F 114 -4.15 36.49 -27.07
C THR F 114 -5.52 37.02 -26.61
N MET F 115 -6.15 36.29 -25.69
CA MET F 115 -7.44 36.63 -25.08
C MET F 115 -7.22 37.36 -23.76
N GLY F 116 -8.02 38.40 -23.51
CA GLY F 116 -7.94 39.18 -22.26
C GLY F 116 -8.63 38.44 -21.14
N ASP F 117 -9.02 37.23 -21.45
CA ASP F 117 -9.74 36.24 -20.71
C ASP F 117 -8.80 35.27 -19.97
N HIS F 118 -7.59 35.10 -20.51
CA HIS F 118 -6.61 34.10 -20.12
C HIS F 118 -5.45 34.57 -19.25
N VAL F 119 -5.15 33.72 -18.22
CA VAL F 119 -4.08 33.97 -17.27
C VAL F 119 -2.92 33.12 -17.69
N TYR F 120 -1.70 33.72 -17.77
CA TYR F 120 -0.49 32.97 -18.15
C TYR F 120 0.68 33.19 -17.17
N SER F 121 1.56 32.19 -17.10
CA SER F 121 2.78 32.23 -16.29
C SER F 121 3.91 32.77 -17.19
N GLN F 122 5.02 33.25 -16.56
CA GLN F 122 6.20 33.74 -17.27
C GLN F 122 6.78 32.62 -18.15
N GLN F 123 6.93 31.40 -17.61
CA GLN F 123 7.43 30.17 -18.21
C GLN F 123 6.62 29.81 -19.45
N PHE F 124 5.28 29.99 -19.40
CA PHE F 124 4.39 29.78 -20.55
C PHE F 124 4.70 30.83 -21.61
N ILE F 125 4.66 32.13 -21.20
CA ILE F 125 4.89 33.24 -22.16
C ILE F 125 6.25 33.11 -22.87
N GLU F 126 7.32 32.86 -22.09
CA GLU F 126 8.68 32.74 -22.58
C GLU F 126 8.82 31.73 -23.71
N LYS F 127 8.09 30.58 -23.60
CA LYS F 127 8.06 29.50 -24.60
C LYS F 127 7.16 29.87 -25.76
N ALA F 128 5.91 30.33 -25.45
CA ALA F 128 4.92 30.73 -26.45
C ALA F 128 5.38 31.81 -27.43
N VAL F 129 6.06 32.87 -26.94
CA VAL F 129 6.56 33.96 -27.81
C VAL F 129 7.53 33.49 -28.90
N ARG F 130 8.25 32.38 -28.63
CA ARG F 130 9.23 31.73 -29.51
C ARG F 130 8.54 30.83 -30.54
N GLY F 131 7.21 30.63 -30.38
CA GLY F 131 6.39 29.78 -31.24
C GLY F 131 5.78 30.38 -32.50
N GLU F 132 4.97 29.56 -33.24
CA GLU F 132 4.32 29.84 -34.52
C GLU F 132 2.92 29.22 -34.60
N GLY F 133 2.00 29.97 -35.18
CA GLY F 133 0.62 29.53 -35.34
C GLY F 133 -0.06 29.35 -34.00
N VAL F 134 -0.76 28.24 -33.84
CA VAL F 134 -1.44 27.96 -32.60
C VAL F 134 -0.50 27.41 -31.59
N ILE F 135 -0.60 27.96 -30.36
CA ILE F 135 0.10 27.48 -29.20
C ILE F 135 -0.85 26.49 -28.55
N ALA F 136 -0.46 25.22 -28.49
CA ALA F 136 -1.33 24.23 -27.90
C ALA F 136 -0.65 23.34 -26.90
N ASP F 137 -1.45 22.99 -25.89
CA ASP F 137 -1.02 22.23 -24.75
C ASP F 137 -1.48 20.80 -24.85
N ARG F 138 -0.52 19.87 -24.98
CA ARG F 138 -0.87 18.46 -25.01
C ARG F 138 -0.80 17.75 -23.64
N GLU F 139 -0.58 18.54 -22.56
CA GLU F 139 -0.50 18.11 -21.16
C GLU F 139 -1.29 19.12 -20.28
N PRO F 140 -2.60 19.37 -20.51
CA PRO F 140 -3.30 20.37 -19.68
C PRO F 140 -3.25 20.03 -18.20
N ARG F 141 -2.42 20.75 -17.44
CA ARG F 141 -2.28 20.46 -16.02
C ARG F 141 -3.24 21.27 -15.14
N PHE F 142 -3.69 22.45 -15.59
CA PHE F 142 -4.52 23.33 -14.75
CA PHE F 142 -4.57 23.29 -14.75
C PHE F 142 -5.93 23.62 -15.32
N VAL F 143 -6.29 22.99 -16.43
CA VAL F 143 -7.61 23.18 -17.05
C VAL F 143 -8.34 21.85 -17.24
N ASP F 144 -9.68 21.89 -17.09
CA ASP F 144 -10.58 20.74 -17.28
C ASP F 144 -10.60 20.40 -18.76
N ILE F 145 -10.08 19.23 -19.08
CA ILE F 145 -9.98 18.70 -20.44
C ILE F 145 -11.32 18.55 -21.16
N GLY F 146 -12.38 18.25 -20.42
CA GLY F 146 -13.73 18.06 -20.96
C GLY F 146 -14.36 19.32 -21.49
N GLU F 147 -14.16 20.44 -20.78
CA GLU F 147 -14.69 21.76 -21.11
C GLU F 147 -13.79 22.61 -22.01
N ALA F 148 -12.56 22.14 -22.29
CA ALA F 148 -11.60 22.89 -23.08
C ALA F 148 -11.79 22.75 -24.58
N THR F 149 -11.29 23.74 -25.36
CA THR F 149 -11.33 23.70 -26.81
C THR F 149 -10.21 22.77 -27.21
N LYS F 150 -10.56 21.64 -27.81
CA LYS F 150 -9.61 20.60 -28.21
C LYS F 150 -9.19 20.78 -29.64
N ILE F 151 -8.01 20.25 -30.01
CA ILE F 151 -7.48 20.34 -31.35
C ILE F 151 -6.95 18.98 -31.77
N ARG F 152 -7.28 18.57 -33.01
CA ARG F 152 -6.77 17.38 -33.66
C ARG F 152 -5.71 17.88 -34.64
N VAL F 153 -4.47 17.42 -34.47
CA VAL F 153 -3.32 17.84 -35.27
C VAL F 153 -2.92 16.79 -36.32
N GLU F 154 -2.84 17.22 -37.59
CA GLU F 154 -2.40 16.38 -38.70
C GLU F 154 -1.28 17.08 -39.45
N ASP F 155 -0.14 16.41 -39.58
CA ASP F 155 1.09 16.88 -40.23
C ASP F 155 1.57 18.25 -39.70
N GLY F 156 1.42 18.43 -38.38
CA GLY F 156 1.83 19.64 -37.68
C GLY F 156 0.91 20.84 -37.88
N ARG F 157 -0.28 20.62 -38.46
CA ARG F 157 -1.27 21.67 -38.74
C ARG F 157 -2.62 21.33 -38.14
N VAL F 158 -3.46 22.35 -37.85
CA VAL F 158 -4.81 22.16 -37.31
C VAL F 158 -5.70 21.44 -38.34
N ALA F 159 -6.14 20.22 -37.99
CA ALA F 159 -7.06 19.43 -38.80
C ALA F 159 -8.49 19.66 -38.29
N LYS F 160 -8.70 19.61 -36.97
CA LYS F 160 -9.99 19.85 -36.33
C LYS F 160 -9.79 20.62 -35.03
N ILE F 161 -10.84 21.30 -34.58
CA ILE F 161 -10.86 22.14 -33.40
C ILE F 161 -12.30 22.24 -32.89
N GLY F 162 -12.46 22.35 -31.57
CA GLY F 162 -13.76 22.48 -30.93
C GLY F 162 -13.85 21.82 -29.57
N LYS F 163 -14.72 22.37 -28.71
CA LYS F 163 -14.98 21.92 -27.33
C LYS F 163 -15.57 20.51 -27.18
N ASP F 164 -16.12 19.91 -28.26
CA ASP F 164 -16.73 18.58 -28.18
C ASP F 164 -16.09 17.54 -29.12
N LEU F 165 -14.78 17.64 -29.36
CA LEU F 165 -14.06 16.67 -30.21
C LEU F 165 -13.98 15.28 -29.54
N ARG F 166 -14.01 14.21 -30.37
CA ARG F 166 -13.90 12.81 -29.94
C ARG F 166 -12.44 12.39 -30.01
N GLU F 167 -11.76 12.72 -31.12
CA GLU F 167 -10.34 12.46 -31.33
C GLU F 167 -9.61 13.80 -31.25
N PHE F 168 -8.60 13.91 -30.37
CA PHE F 168 -7.80 15.13 -30.19
C PHE F 168 -6.42 14.83 -29.63
N ASP F 169 -5.46 15.68 -30.00
CA ASP F 169 -4.05 15.56 -29.61
C ASP F 169 -3.67 16.53 -28.49
N CYS F 170 -4.26 17.72 -28.49
CA CYS F 170 -3.94 18.82 -27.59
C CYS F 170 -5.12 19.75 -27.27
N VAL F 171 -4.88 20.80 -26.50
CA VAL F 171 -5.87 21.78 -26.07
C VAL F 171 -5.44 23.22 -26.43
N ASP F 172 -6.42 24.04 -26.89
CA ASP F 172 -6.25 25.43 -27.29
C ASP F 172 -5.97 26.32 -26.10
N THR F 173 -4.75 26.90 -26.09
CA THR F 173 -4.23 27.80 -25.06
C THR F 173 -4.78 29.21 -25.11
N GLY F 174 -5.33 29.62 -26.26
CA GLY F 174 -5.88 30.97 -26.46
C GLY F 174 -4.82 32.03 -26.71
N PHE F 175 -3.64 31.59 -27.16
CA PHE F 175 -2.49 32.42 -27.46
C PHE F 175 -1.99 31.94 -28.83
N PHE F 176 -1.64 32.91 -29.75
CA PHE F 176 -1.20 32.65 -31.13
C PHE F 176 -0.06 33.55 -31.58
N VAL F 177 0.78 33.03 -32.48
CA VAL F 177 1.84 33.76 -33.18
C VAL F 177 1.47 33.68 -34.65
N LEU F 178 0.92 34.80 -35.14
CA LEU F 178 0.38 34.95 -36.49
C LEU F 178 1.16 35.89 -37.39
N ASP F 179 0.76 35.93 -38.67
CA ASP F 179 1.26 36.85 -39.65
C ASP F 179 0.13 37.43 -40.48
N ASP F 180 0.45 38.31 -41.44
CA ASP F 180 -0.55 39.03 -42.27
C ASP F 180 -1.56 38.11 -42.91
N SER F 181 -1.10 36.94 -43.38
CA SER F 181 -1.90 35.89 -44.02
C SER F 181 -3.15 35.41 -43.27
N ILE F 182 -3.26 35.58 -41.95
CA ILE F 182 -4.46 35.14 -41.23
C ILE F 182 -5.72 35.87 -41.72
N PHE F 183 -5.56 37.18 -41.98
CA PHE F 183 -6.64 38.07 -42.41
C PHE F 183 -7.25 37.61 -43.73
N GLU F 184 -6.42 37.00 -44.63
CA GLU F 184 -6.83 36.41 -45.91
C GLU F 184 -7.91 35.35 -45.65
N HIS F 185 -7.71 34.49 -44.63
CA HIS F 185 -8.66 33.46 -44.24
C HIS F 185 -9.83 34.04 -43.46
N ALA F 186 -9.54 35.01 -42.58
CA ALA F 186 -10.56 35.68 -41.80
C ALA F 186 -11.55 36.46 -42.69
N GLU F 187 -11.04 37.01 -43.83
CA GLU F 187 -11.82 37.80 -44.82
C GLU F 187 -12.98 36.97 -45.35
N LYS F 188 -12.72 35.68 -45.69
CA LYS F 188 -13.69 34.72 -46.20
C LYS F 188 -14.95 34.55 -45.30
N LEU F 189 -14.95 35.09 -44.08
CA LEU F 189 -16.08 34.97 -43.15
C LEU F 189 -16.70 36.30 -42.82
N ARG F 190 -16.24 37.40 -43.44
CA ARG F 190 -16.74 38.76 -43.17
C ARG F 190 -18.27 38.88 -43.13
N ASP F 191 -18.95 38.20 -44.07
CA ASP F 191 -20.40 38.26 -44.22
C ASP F 191 -21.19 37.22 -43.41
N ARG F 192 -20.63 36.75 -42.27
CA ARG F 192 -21.30 35.79 -41.38
C ARG F 192 -21.69 36.53 -40.11
N GLU F 193 -22.91 36.25 -39.57
CA GLU F 193 -23.47 36.90 -38.36
C GLU F 193 -22.59 36.74 -37.11
N GLU F 194 -21.84 35.63 -37.07
CA GLU F 194 -20.89 35.26 -36.03
C GLU F 194 -19.64 34.71 -36.68
N ILE F 195 -18.47 35.22 -36.24
CA ILE F 195 -17.16 34.77 -36.73
C ILE F 195 -16.34 34.22 -35.53
N PRO F 196 -16.28 32.88 -35.36
CA PRO F 196 -15.48 32.32 -34.27
C PRO F 196 -14.02 32.22 -34.71
N LEU F 197 -13.08 32.55 -33.79
CA LEU F 197 -11.65 32.48 -34.06
C LEU F 197 -11.27 31.07 -34.55
N SER F 198 -11.84 30.04 -33.89
CA SER F 198 -11.63 28.62 -34.17
C SER F 198 -11.87 28.28 -35.65
N GLU F 199 -12.95 28.85 -36.25
CA GLU F 199 -13.25 28.65 -37.67
C GLU F 199 -12.16 29.21 -38.60
N ILE F 200 -11.59 30.38 -38.24
CA ILE F 200 -10.50 31.03 -38.99
C ILE F 200 -9.29 30.12 -38.92
N VAL F 201 -8.94 29.68 -37.68
CA VAL F 201 -7.82 28.78 -37.36
C VAL F 201 -7.93 27.50 -38.24
N LYS F 202 -9.15 26.91 -38.27
CA LYS F 202 -9.50 25.72 -39.04
C LYS F 202 -9.25 26.00 -40.54
N LEU F 203 -9.80 27.15 -41.05
CA LEU F 203 -9.65 27.62 -42.43
C LEU F 203 -8.20 27.84 -42.82
N ALA F 204 -7.45 28.49 -41.92
CA ALA F 204 -6.03 28.80 -42.08
C ALA F 204 -5.13 27.56 -42.06
N ARG F 205 -5.63 26.43 -41.44
CA ARG F 205 -4.90 25.15 -41.26
C ARG F 205 -3.57 25.49 -40.57
N LEU F 206 -3.69 26.32 -39.51
CA LEU F 206 -2.59 26.88 -38.73
C LEU F 206 -1.59 25.86 -38.23
N PRO F 207 -0.26 26.15 -38.35
CA PRO F 207 0.73 25.24 -37.76
C PRO F 207 0.54 25.27 -36.24
N VAL F 208 0.90 24.19 -35.58
CA VAL F 208 0.73 24.09 -34.14
C VAL F 208 2.10 24.05 -33.47
N THR F 209 2.24 24.82 -32.37
CA THR F 209 3.44 24.84 -31.53
C THR F 209 2.99 24.37 -30.16
N TYR F 210 3.74 23.42 -29.59
CA TYR F 210 3.41 22.87 -28.29
C TYR F 210 4.18 23.52 -27.18
N VAL F 211 3.42 23.96 -26.15
CA VAL F 211 3.90 24.50 -24.89
C VAL F 211 3.11 23.68 -23.89
N ASP F 212 3.73 22.57 -23.49
CA ASP F 212 3.13 21.55 -22.63
C ASP F 212 3.32 21.69 -21.16
N GLY F 213 2.20 21.52 -20.44
CA GLY F 213 2.15 21.48 -19.00
C GLY F 213 2.61 22.71 -18.26
N GLU F 214 2.54 23.89 -18.91
CA GLU F 214 2.89 25.14 -18.24
C GLU F 214 1.60 25.74 -17.66
N LEU F 215 1.73 26.61 -16.66
CA LEU F 215 0.56 27.23 -16.08
C LEU F 215 -0.11 28.26 -16.97
N TRP F 216 -1.37 28.01 -17.28
CA TRP F 216 -2.30 28.84 -18.03
C TRP F 216 -3.75 28.41 -17.68
N MET F 217 -4.71 29.35 -17.71
CA MET F 217 -6.13 29.11 -17.41
C MET F 217 -7.06 30.22 -17.89
N ASP F 218 -8.24 29.82 -18.36
CA ASP F 218 -9.30 30.73 -18.79
C ASP F 218 -10.14 31.11 -17.59
N VAL F 219 -10.78 32.29 -17.61
CA VAL F 219 -11.66 32.69 -16.52
C VAL F 219 -13.10 32.86 -17.06
N ASP F 220 -14.10 32.26 -16.39
CA ASP F 220 -15.51 32.25 -16.83
C ASP F 220 -16.53 32.42 -15.66
N THR F 221 -17.82 31.99 -15.85
CA THR F 221 -18.92 32.14 -14.87
C THR F 221 -19.87 30.91 -14.74
N LYS F 222 -20.38 30.35 -15.87
CA LYS F 222 -21.30 29.19 -15.89
C LYS F 222 -21.23 28.43 -17.21
CAC FLC G . -14.63 -14.05 -21.26
CA FLC G . -15.08 -12.82 -20.46
CB FLC G . -14.50 -11.44 -20.92
CBC FLC G . -14.75 -11.30 -22.48
CG FLC G . -15.27 -10.28 -20.10
CGC FLC G . -15.76 -10.38 -18.61
OA1 FLC G . -13.44 -14.19 -21.63
OA2 FLC G . -15.48 -14.90 -21.51
OB1 FLC G . -15.96 -11.49 -22.97
OB2 FLC G . -13.76 -11.00 -23.29
OG1 FLC G . -15.86 -11.41 -17.97
OG2 FLC G . -16.07 -9.36 -17.98
OHB FLC G . -13.02 -11.38 -20.73
CAC FLC H . 27.93 -33.28 3.99
CA FLC H . 26.77 -34.25 3.99
CB FLC H . 25.51 -33.64 3.27
CBC FLC H . 25.56 -34.15 1.78
CG FLC H . 24.24 -34.10 4.01
CGC FLC H . 23.86 -33.29 5.23
OA1 FLC H . 29.10 -33.51 3.59
OA2 FLC H . 27.64 -32.20 4.41
OB1 FLC H . 24.52 -34.64 1.18
OB2 FLC H . 26.65 -34.09 1.07
OG1 FLC H . 24.73 -32.73 5.84
OG2 FLC H . 22.69 -33.20 5.60
OHB FLC H . 25.40 -32.20 3.41
CAC FLC I . -19.57 39.68 0.34
CA FLC I . -20.49 38.95 -0.66
CB FLC I . -20.41 37.39 -0.52
CBC FLC I . -21.50 36.92 0.51
CG FLC I . -20.46 36.75 -1.94
CGC FLC I . -19.23 36.88 -2.86
OA1 FLC I . -19.98 40.38 1.29
OA2 FLC I . -18.36 39.55 0.17
OB1 FLC I . -22.40 35.99 0.32
OB2 FLC I . -21.54 37.47 1.65
OG1 FLC I . -18.46 37.80 -2.77
OG2 FLC I . -18.99 36.05 -3.73
OHB FLC I . -19.12 36.94 -0.03
#